data_3AJV
#
_entry.id   3AJV
#
_cell.length_a   95.334
_cell.length_b   95.334
_cell.length_c   253.819
_cell.angle_alpha   90.00
_cell.angle_beta   90.00
_cell.angle_gamma   120.00
#
_symmetry.space_group_name_H-M   'H 3'
#
loop_
_entity.id
_entity.type
_entity.pdbx_description
1 polymer 'Putative uncharacterized protein'
2 polymer 'tRNA-splicing endonuclease'
3 non-polymer GLYCEROL
4 non-polymer 'CHLORIDE ION'
5 water water
#
loop_
_entity_poly.entity_id
_entity_poly.type
_entity_poly.pdbx_seq_one_letter_code
_entity_poly.pdbx_strand_id
1 'polypeptide(L)'
;MGSSHHHHHHSSGLVPRGSHMGKGEGEVAGCKAAARLGVEGVFVEECFDGSYCRNLERIGYLRKGRLEPLEAAYQASRGM
LCMGETRGWAAAVEVIAGLGLSLDTALVYFDLRRKGRKPLVGVRRGTLVYEHGGRVYEVLVLSEGYPLKIGSLVEWSRGA
SMDNHSPIVAIVDRTGLITYYEARAVRSIQ
;
A,C
2 'polypeptide(L)'
;MGDRCAPIKASGVLIGDSVLVTDVEQARSLYSCGYYGQPLDVEKPRGADFEGPLRLSLIESLYLAEKGVLEVAKPDGSSV
GVEDLRTAVRGNPRFSMLYNIYRDLRERGFVVRSGLKFGSDFAVYRLGPGIDAAPFIVHAYSPEDNIDPVEIVRAGRLSH
SVRKKFVFAVTRGGDVSYLMIDWFRP
;
B,D
#
loop_
_chem_comp.id
_chem_comp.type
_chem_comp.name
_chem_comp.formula
CL non-polymer 'CHLORIDE ION' 'Cl -1'
GOL non-polymer GLYCEROL 'C3 H8 O3'
#
# COMPACT_ATOMS: atom_id res chain seq x y z
N LYS A 23 8.12 52.37 24.02
CA LYS A 23 7.75 52.51 22.57
C LYS A 23 6.84 53.70 22.30
N GLY A 24 6.20 53.65 21.14
CA GLY A 24 5.12 54.58 20.85
C GLY A 24 3.90 54.00 21.54
N GLU A 25 2.97 53.46 20.75
CA GLU A 25 1.78 52.85 21.31
C GLU A 25 1.90 51.34 21.26
N GLY A 26 1.42 50.66 22.30
CA GLY A 26 1.33 49.23 22.31
C GLY A 26 0.03 48.78 21.68
N GLU A 27 0.11 47.77 20.83
CA GLU A 27 -1.08 47.26 20.16
C GLU A 27 -1.79 46.25 21.04
N VAL A 28 -2.84 46.66 21.73
CA VAL A 28 -3.56 45.73 22.60
C VAL A 28 -4.94 45.41 22.06
N ALA A 29 -5.53 46.35 21.34
CA ALA A 29 -6.86 46.14 20.79
C ALA A 29 -6.90 44.82 20.01
N GLY A 30 -7.97 44.07 20.21
CA GLY A 30 -8.17 42.82 19.50
C GLY A 30 -7.46 41.68 20.19
N CYS A 31 -6.75 41.97 21.28
CA CYS A 31 -6.10 40.93 22.07
C CYS A 31 -7.02 40.66 23.26
N LYS A 32 -7.26 39.38 23.55
CA LYS A 32 -7.94 39.07 24.81
C LYS A 32 -6.96 38.93 25.99
N ALA A 33 -5.69 38.70 25.68
CA ALA A 33 -4.64 38.73 26.70
C ALA A 33 -3.31 38.97 26.01
N ALA A 34 -2.32 39.40 26.78
CA ALA A 34 -0.98 39.60 26.26
C ALA A 34 -0.01 38.83 27.11
N ALA A 35 1.01 38.25 26.48
CA ALA A 35 1.96 37.44 27.20
C ALA A 35 3.38 37.64 26.71
N ARG A 36 4.34 37.16 27.49
CA ARG A 36 5.74 37.25 27.15
CA ARG A 36 5.72 37.24 27.12
C ARG A 36 6.32 35.85 27.06
N LEU A 37 7.31 35.67 26.20
CA LEU A 37 7.97 34.39 26.10
C LEU A 37 9.28 34.47 26.88
N GLY A 38 9.39 33.62 27.91
CA GLY A 38 10.63 33.45 28.66
C GLY A 38 11.27 32.11 28.35
N VAL A 39 12.50 31.92 28.80
CA VAL A 39 13.27 30.72 28.43
C VAL A 39 12.55 29.38 28.59
N GLU A 40 11.77 29.21 29.65
CA GLU A 40 10.96 28.00 29.74
C GLU A 40 9.47 28.27 30.06
N GLY A 41 8.86 29.13 29.27
CA GLY A 41 7.42 29.23 29.32
C GLY A 41 6.84 30.54 28.85
N VAL A 42 5.53 30.53 28.73
CA VAL A 42 4.79 31.72 28.34
C VAL A 42 4.15 32.29 29.58
N PHE A 43 4.31 33.59 29.78
N PHE A 43 4.27 33.59 29.78
CA PHE A 43 3.74 34.26 30.95
CA PHE A 43 3.73 34.22 30.99
C PHE A 43 2.75 35.32 30.54
C PHE A 43 2.79 35.37 30.64
N VAL A 44 1.54 35.25 31.08
CA VAL A 44 0.48 36.18 30.72
C VAL A 44 0.61 37.44 31.57
N GLU A 45 0.85 38.57 30.91
CA GLU A 45 1.08 39.84 31.61
C GLU A 45 -0.16 40.71 31.70
N GLU A 46 -1.07 40.53 30.75
CA GLU A 46 -2.33 41.26 30.72
C GLU A 46 -3.49 40.39 30.29
N CYS A 47 -4.58 40.55 31.04
CA CYS A 47 -5.86 39.94 30.71
C CYS A 47 -6.86 41.04 30.37
N PHE A 48 -7.18 41.18 29.09
CA PHE A 48 -8.03 42.30 28.65
C PHE A 48 -9.48 41.87 28.65
N ASP A 49 -9.67 40.55 28.70
CA ASP A 49 -11.00 39.97 28.74
C ASP A 49 -10.99 39.02 29.93
N GLY A 50 -11.61 39.43 31.03
CA GLY A 50 -11.50 38.67 32.28
C GLY A 50 -12.05 37.26 32.13
N SER A 51 -13.18 37.13 31.45
CA SER A 51 -13.84 35.84 31.37
C SER A 51 -13.01 34.88 30.50
N TYR A 52 -12.32 35.44 29.51
CA TYR A 52 -11.33 34.68 28.73
C TYR A 52 -10.25 34.03 29.59
N CYS A 53 -9.52 34.82 30.40
CA CYS A 53 -8.51 34.19 31.23
C CYS A 53 -9.10 33.30 32.29
N ARG A 54 -10.25 33.66 32.85
CA ARG A 54 -10.83 32.81 33.87
C ARG A 54 -11.15 31.43 33.28
N ASN A 55 -11.55 31.40 32.01
CA ASN A 55 -11.81 30.12 31.35
C ASN A 55 -10.54 29.33 31.19
N LEU A 56 -9.45 29.99 30.83
CA LEU A 56 -8.19 29.27 30.66
C LEU A 56 -7.73 28.76 32.03
N GLU A 57 -8.05 29.50 33.09
CA GLU A 57 -7.70 29.04 34.43
C GLU A 57 -8.58 27.86 34.82
N ARG A 58 -9.87 27.98 34.55
CA ARG A 58 -10.81 26.93 34.89
C ARG A 58 -10.41 25.61 34.28
N ILE A 59 -10.02 25.64 33.01
CA ILE A 59 -9.67 24.41 32.33
C ILE A 59 -8.29 23.90 32.70
N GLY A 60 -7.45 24.74 33.29
CA GLY A 60 -6.19 24.23 33.80
C GLY A 60 -4.96 24.68 33.05
N TYR A 61 -5.16 25.39 31.95
CA TYR A 61 -4.04 25.76 31.12
C TYR A 61 -3.30 26.98 31.64
N LEU A 62 -4.01 27.81 32.39
CA LEU A 62 -3.40 29.04 32.91
C LEU A 62 -3.38 28.93 34.44
N ARG A 63 -2.20 29.03 35.03
CA ARG A 63 -2.08 29.04 36.50
C ARG A 63 -1.08 30.09 36.91
N LYS A 64 -1.56 31.09 37.65
CA LYS A 64 -0.73 32.18 38.14
C LYS A 64 0.13 32.79 37.04
N GLY A 65 -0.52 33.13 35.93
CA GLY A 65 0.18 33.75 34.82
C GLY A 65 0.89 32.79 33.87
N ARG A 66 1.15 31.56 34.32
CA ARG A 66 1.89 30.62 33.48
C ARG A 66 0.91 29.89 32.58
N LEU A 67 1.15 29.98 31.27
CA LEU A 67 0.22 29.41 30.31
C LEU A 67 0.90 28.25 29.63
N GLU A 68 0.26 27.08 29.59
CA GLU A 68 0.87 25.89 28.96
CA GLU A 68 0.92 25.92 28.99
C GLU A 68 1.30 26.21 27.54
N PRO A 69 2.48 25.71 27.13
CA PRO A 69 3.09 26.04 25.86
C PRO A 69 2.19 25.78 24.64
N LEU A 70 1.60 24.59 24.54
CA LEU A 70 0.74 24.31 23.40
C LEU A 70 -0.52 25.16 23.39
N GLU A 71 -1.10 25.42 24.58
CA GLU A 71 -2.27 26.28 24.64
C GLU A 71 -1.89 27.70 24.27
N ALA A 72 -0.70 28.16 24.66
CA ALA A 72 -0.26 29.51 24.28
C ALA A 72 -0.13 29.59 22.76
N ALA A 73 0.45 28.55 22.15
CA ALA A 73 0.59 28.58 20.71
C ALA A 73 -0.78 28.60 20.03
N TYR A 74 -1.70 27.83 20.57
CA TYR A 74 -3.05 27.71 20.03
C TYR A 74 -3.78 29.04 20.12
N GLN A 75 -3.78 29.61 21.33
CA GLN A 75 -4.46 30.90 21.52
C GLN A 75 -3.87 32.01 20.64
N ALA A 76 -2.56 31.99 20.44
CA ALA A 76 -1.95 32.91 19.49
C ALA A 76 -2.48 32.65 18.08
N SER A 77 -2.63 31.38 17.72
CA SER A 77 -3.08 31.04 16.37
C SER A 77 -4.51 31.54 16.15
N ARG A 78 -5.29 31.62 17.23
N ARG A 78 -5.30 31.62 17.22
CA ARG A 78 -6.67 32.09 17.15
CA ARG A 78 -6.67 32.09 17.09
C ARG A 78 -6.73 33.60 16.99
C ARG A 78 -6.80 33.60 17.24
N GLY A 79 -5.66 34.28 17.39
CA GLY A 79 -5.63 35.75 17.37
C GLY A 79 -6.09 36.33 18.70
N MET A 80 -6.20 35.49 19.71
CA MET A 80 -6.71 35.97 21.02
C MET A 80 -5.58 36.33 21.97
N LEU A 81 -4.43 35.70 21.76
CA LEU A 81 -3.28 35.93 22.61
C LEU A 81 -2.24 36.68 21.84
N CYS A 82 -1.83 37.83 22.37
CA CYS A 82 -0.79 38.59 21.75
C CYS A 82 0.49 38.32 22.51
N MET A 83 1.57 38.03 21.79
CA MET A 83 2.87 37.90 22.42
C MET A 83 3.66 39.17 22.16
N GLY A 84 3.56 40.12 23.09
CA GLY A 84 4.08 41.46 22.84
C GLY A 84 3.36 42.07 21.64
N GLU A 85 4.11 42.47 20.63
CA GLU A 85 3.54 43.06 19.40
C GLU A 85 3.48 42.03 18.27
N THR A 86 3.68 40.77 18.64
CA THR A 86 3.57 39.69 17.67
C THR A 86 2.23 39.02 17.86
N ARG A 87 1.54 38.78 16.76
CA ARG A 87 0.17 38.30 16.81
C ARG A 87 -0.02 37.10 15.92
N GLY A 88 -1.17 36.46 16.09
CA GLY A 88 -1.65 35.46 15.14
C GLY A 88 -0.69 34.29 15.02
N TRP A 89 -0.59 33.73 13.81
CA TRP A 89 0.26 32.57 13.60
C TRP A 89 1.75 32.91 13.70
N ALA A 90 2.08 34.17 13.43
CA ALA A 90 3.42 34.63 13.68
C ALA A 90 3.75 34.47 15.20
N ALA A 91 2.78 34.77 16.07
CA ALA A 91 3.00 34.53 17.51
C ALA A 91 3.05 33.02 17.83
N ALA A 92 2.15 32.27 17.20
CA ALA A 92 2.14 30.82 17.34
C ALA A 92 3.52 30.24 17.04
N VAL A 93 4.12 30.68 15.94
CA VAL A 93 5.46 30.21 15.58
C VAL A 93 6.54 30.63 16.57
N GLU A 94 6.47 31.89 16.99
CA GLU A 94 7.38 32.35 18.03
C GLU A 94 7.35 31.35 19.17
N VAL A 95 6.17 30.93 19.60
CA VAL A 95 6.05 30.04 20.76
C VAL A 95 6.52 28.63 20.50
N ILE A 96 6.15 28.11 19.34
CA ILE A 96 6.59 26.76 18.96
C ILE A 96 8.13 26.67 18.83
N ALA A 97 8.70 27.64 18.11
CA ALA A 97 10.14 27.71 17.90
C ALA A 97 10.86 28.00 19.22
N GLY A 98 10.36 28.97 19.96
CA GLY A 98 10.97 29.40 21.22
C GLY A 98 11.06 28.31 22.28
N LEU A 99 10.01 27.50 22.41
CA LEU A 99 10.00 26.45 23.42
C LEU A 99 10.30 25.05 22.88
N GLY A 100 10.69 24.96 21.62
CA GLY A 100 11.04 23.67 21.05
C GLY A 100 9.90 22.67 20.90
N LEU A 101 8.69 23.17 20.64
CA LEU A 101 7.56 22.28 20.37
C LEU A 101 7.64 21.69 18.97
N SER A 102 7.09 20.50 18.79
CA SER A 102 7.00 19.91 17.45
C SER A 102 5.81 20.49 16.70
N LEU A 103 6.04 20.94 15.48
CA LEU A 103 4.97 21.57 14.69
C LEU A 103 3.82 20.60 14.53
N ASP A 104 4.13 19.35 14.25
CA ASP A 104 3.01 18.44 14.02
C ASP A 104 2.19 18.15 15.27
N THR A 105 2.85 18.08 16.42
CA THR A 105 2.14 17.92 17.68
C THR A 105 1.28 19.17 17.91
N ALA A 106 1.84 20.35 17.67
CA ALA A 106 1.03 21.56 17.81
C ALA A 106 -0.17 21.55 16.86
N LEU A 107 0.02 21.14 15.59
CA LEU A 107 -1.11 21.14 14.68
C LEU A 107 -2.23 20.16 15.08
N VAL A 108 -1.85 19.00 15.55
CA VAL A 108 -2.84 18.06 16.08
C VAL A 108 -3.52 18.64 17.33
N TYR A 109 -2.71 19.22 18.23
CA TYR A 109 -3.27 19.87 19.41
C TYR A 109 -4.28 20.90 18.99
N PHE A 110 -3.90 21.78 18.06
CA PHE A 110 -4.86 22.81 17.63
C PHE A 110 -6.11 22.16 17.10
N ASP A 111 -5.94 21.11 16.27
CA ASP A 111 -7.09 20.49 15.69
C ASP A 111 -8.04 19.93 16.72
N LEU A 112 -7.47 19.31 17.75
CA LEU A 112 -8.26 18.74 18.84
C LEU A 112 -8.98 19.85 19.62
N ARG A 113 -8.28 20.95 19.85
CA ARG A 113 -8.90 22.10 20.54
C ARG A 113 -10.05 22.67 19.73
N ARG A 114 -9.85 22.77 18.41
CA ARG A 114 -10.90 23.28 17.51
C ARG A 114 -12.15 22.40 17.61
N LYS A 115 -11.94 21.10 17.81
CA LYS A 115 -13.05 20.17 17.99
C LYS A 115 -13.72 20.23 19.38
N GLY A 116 -13.13 20.97 20.31
CA GLY A 116 -13.68 21.10 21.67
C GLY A 116 -13.03 20.24 22.74
N ARG A 117 -12.00 19.48 22.36
CA ARG A 117 -11.23 18.69 23.31
C ARG A 117 -10.21 19.52 24.02
N LYS A 118 -9.76 19.03 25.18
CA LYS A 118 -8.81 19.78 26.00
C LYS A 118 -7.62 18.90 26.35
N PRO A 119 -6.70 18.70 25.38
CA PRO A 119 -5.56 17.80 25.62
C PRO A 119 -4.45 18.37 26.52
N LEU A 120 -3.68 17.46 27.11
CA LEU A 120 -2.44 17.78 27.79
C LEU A 120 -1.28 17.00 27.17
N VAL A 121 -0.06 17.42 27.45
CA VAL A 121 1.09 16.64 27.00
C VAL A 121 1.17 15.35 27.79
N GLY A 122 1.25 14.21 27.09
CA GLY A 122 1.27 12.93 27.76
C GLY A 122 2.64 12.59 28.31
N VAL A 123 2.70 11.53 29.10
CA VAL A 123 3.96 11.07 29.68
C VAL A 123 4.88 10.47 28.61
N ARG A 124 4.31 9.69 27.69
CA ARG A 124 5.12 9.07 26.65
C ARG A 124 5.48 10.12 25.58
N ARG A 125 6.74 10.09 25.15
CA ARG A 125 7.21 11.00 24.12
C ARG A 125 6.33 10.99 22.88
N GLY A 126 6.01 12.18 22.39
CA GLY A 126 5.21 12.36 21.16
C GLY A 126 3.69 12.19 21.33
N THR A 127 3.22 12.21 22.58
CA THR A 127 1.79 11.95 22.84
C THR A 127 1.03 13.13 23.45
N LEU A 128 -0.27 13.13 23.21
CA LEU A 128 -1.23 14.07 23.82
C LEU A 128 -2.30 13.20 24.50
N VAL A 129 -2.89 13.66 25.58
CA VAL A 129 -3.91 12.89 26.22
C VAL A 129 -5.06 13.82 26.46
N TYR A 130 -6.27 13.34 26.28
CA TYR A 130 -7.41 14.18 26.58
C TYR A 130 -8.53 13.32 27.06
N GLU A 131 -9.48 13.92 27.75
CA GLU A 131 -10.55 13.12 28.31
C GLU A 131 -11.85 13.61 27.73
N HIS A 132 -12.67 12.68 27.24
CA HIS A 132 -13.94 13.04 26.63
C HIS A 132 -14.97 11.95 26.89
N GLY A 133 -16.07 12.31 27.56
CA GLY A 133 -17.16 11.38 27.78
C GLY A 133 -16.83 10.30 28.80
N GLY A 134 -15.92 10.65 29.72
CA GLY A 134 -15.49 9.74 30.76
C GLY A 134 -14.50 8.70 30.25
N ARG A 135 -13.99 8.93 29.04
CA ARG A 135 -12.95 8.08 28.47
C ARG A 135 -11.70 8.90 28.28
N VAL A 136 -10.53 8.29 28.52
CA VAL A 136 -9.28 8.99 28.31
C VAL A 136 -8.65 8.46 27.01
N TYR A 137 -8.29 9.41 26.15
CA TYR A 137 -7.67 9.08 24.86
C TYR A 137 -6.20 9.47 24.86
N GLU A 138 -5.36 8.57 24.37
CA GLU A 138 -3.98 8.87 24.26
C GLU A 138 -3.63 8.92 22.76
N VAL A 139 -3.11 10.05 22.32
CA VAL A 139 -2.89 10.31 20.88
C VAL A 139 -1.41 10.31 20.60
N LEU A 140 -0.96 9.37 19.76
CA LEU A 140 0.43 9.34 19.34
C LEU A 140 0.51 10.07 18.02
N VAL A 141 1.34 11.12 17.99
CA VAL A 141 1.47 11.98 16.80
C VAL A 141 2.60 11.46 15.92
N LEU A 142 2.25 11.04 14.70
CA LEU A 142 3.23 10.48 13.77
C LEU A 142 3.28 11.38 12.54
N SER A 143 4.48 11.48 11.97
CA SER A 143 4.74 12.37 10.83
C SER A 143 5.31 11.63 9.62
N GLU A 144 4.78 11.95 8.44
CA GLU A 144 5.39 11.46 7.18
C GLU A 144 6.88 11.86 7.12
N GLY A 145 7.73 10.92 6.70
CA GLY A 145 9.17 11.13 6.58
C GLY A 145 9.94 10.71 7.83
N TYR A 146 9.21 10.31 8.86
CA TYR A 146 9.82 9.79 10.08
C TYR A 146 9.30 8.39 10.37
N PRO A 147 10.02 7.41 9.88
CA PRO A 147 9.57 6.00 9.98
C PRO A 147 9.47 5.52 11.42
N LEU A 148 8.62 4.53 11.64
CA LEU A 148 8.74 3.84 12.92
C LEU A 148 8.58 2.37 12.75
N LYS A 149 9.08 1.68 13.75
CA LYS A 149 9.01 0.22 13.79
C LYS A 149 7.61 -0.19 14.18
N ILE A 150 7.11 -1.18 13.46
CA ILE A 150 5.79 -1.73 13.75
C ILE A 150 5.75 -2.19 15.19
N GLY A 151 6.81 -2.83 15.68
CA GLY A 151 6.85 -3.25 17.10
C GLY A 151 6.68 -2.11 18.08
N SER A 152 7.22 -0.96 17.74
CA SER A 152 7.08 0.19 18.64
C SER A 152 5.63 0.64 18.70
N LEU A 153 4.92 0.52 17.58
CA LEU A 153 3.53 0.91 17.53
C LEU A 153 2.70 -0.04 18.43
N VAL A 154 2.98 -1.34 18.30
CA VAL A 154 2.31 -2.34 19.14
C VAL A 154 2.60 -2.06 20.62
N GLU A 155 3.86 -1.87 20.98
CA GLU A 155 4.20 -1.65 22.38
C GLU A 155 3.57 -0.37 22.97
N TRP A 156 3.58 0.70 22.18
CA TRP A 156 2.91 1.96 22.56
C TRP A 156 1.40 1.73 22.78
N SER A 157 0.74 1.08 21.83
CA SER A 157 -0.67 0.82 21.97
C SER A 157 -0.97 -0.02 23.19
N ARG A 158 -0.18 -1.08 23.42
CA ARG A 158 -0.33 -1.88 24.63
CA ARG A 158 -0.35 -1.89 24.63
C ARG A 158 -0.22 -1.04 25.91
N GLY A 159 0.77 -0.16 25.94
CA GLY A 159 1.03 0.65 27.13
C GLY A 159 -0.11 1.60 27.41
N ALA A 160 -0.70 2.14 26.34
CA ALA A 160 -1.84 3.04 26.45
C ALA A 160 -3.04 2.30 27.02
N SER A 161 -3.32 1.14 26.45
CA SER A 161 -4.43 0.35 26.93
C SER A 161 -4.20 -0.08 28.37
N MET A 162 -2.94 -0.33 28.74
CA MET A 162 -2.63 -0.79 30.08
C MET A 162 -2.82 0.31 31.11
N ASP A 163 -2.75 1.56 30.64
CA ASP A 163 -3.03 2.76 31.47
C ASP A 163 -4.48 3.18 31.31
N ASN A 164 -5.34 2.31 30.83
CA ASN A 164 -6.75 2.71 30.66
C ASN A 164 -6.96 3.89 29.70
N HIS A 165 -6.18 3.96 28.62
CA HIS A 165 -6.40 4.99 27.61
C HIS A 165 -6.82 4.30 26.32
N SER A 166 -7.74 4.89 25.56
CA SER A 166 -7.91 4.41 24.17
C SER A 166 -6.74 4.91 23.31
N PRO A 167 -6.12 3.99 22.56
CA PRO A 167 -4.96 4.40 21.76
C PRO A 167 -5.35 4.93 20.38
N ILE A 168 -5.07 6.20 20.18
CA ILE A 168 -5.34 6.88 18.93
C ILE A 168 -4.06 7.29 18.29
N VAL A 169 -3.95 7.04 16.99
N VAL A 169 -3.96 7.05 17.00
CA VAL A 169 -2.80 7.51 16.25
CA VAL A 169 -2.81 7.51 16.27
C VAL A 169 -3.24 8.68 15.39
C VAL A 169 -3.26 8.70 15.41
N ALA A 170 -2.45 9.76 15.39
CA ALA A 170 -2.74 10.91 14.55
C ALA A 170 -1.62 10.99 13.56
N ILE A 171 -1.92 10.77 12.27
CA ILE A 171 -0.85 10.78 11.27
C ILE A 171 -0.93 12.11 10.55
N VAL A 172 0.17 12.85 10.54
CA VAL A 172 0.22 14.13 9.84
C VAL A 172 1.08 13.93 8.60
N ASP A 173 0.47 14.11 7.41
CA ASP A 173 1.25 13.96 6.22
C ASP A 173 2.19 15.14 5.97
N ARG A 174 2.99 15.02 4.92
CA ARG A 174 4.04 16.00 4.62
C ARG A 174 3.51 17.37 4.23
N THR A 175 2.19 17.47 4.12
CA THR A 175 1.52 18.78 3.73
C THR A 175 0.74 19.32 4.92
N GLY A 176 0.61 18.52 5.97
CA GLY A 176 -0.15 18.91 7.16
C GLY A 176 -1.58 18.33 7.23
N LEU A 177 -1.95 17.42 6.34
CA LEU A 177 -3.25 16.74 6.44
C LEU A 177 -3.21 15.73 7.58
N ILE A 178 -4.19 15.82 8.47
CA ILE A 178 -4.26 15.03 9.68
C ILE A 178 -5.30 13.94 9.50
N THR A 179 -4.94 12.73 9.87
CA THR A 179 -5.85 11.59 9.83
C THR A 179 -5.74 10.84 11.16
N TYR A 180 -6.88 10.54 11.77
CA TYR A 180 -6.90 9.78 13.02
C TYR A 180 -7.43 8.35 12.90
N TYR A 181 -6.77 7.40 13.58
CA TYR A 181 -7.25 6.02 13.70
C TYR A 181 -7.19 5.53 15.13
N GLU A 182 -8.07 4.64 15.52
CA GLU A 182 -7.87 3.98 16.80
C GLU A 182 -7.05 2.75 16.48
N ALA A 183 -6.09 2.41 17.32
CA ALA A 183 -5.20 1.29 16.99
C ALA A 183 -4.99 0.46 18.23
N ARG A 184 -5.74 -0.64 18.34
CA ARG A 184 -5.86 -1.40 19.55
C ARG A 184 -5.13 -2.73 19.45
N ALA A 185 -4.30 -3.03 20.45
CA ALA A 185 -3.44 -4.22 20.37
C ALA A 185 -4.14 -5.33 21.09
N VAL A 186 -4.29 -6.47 20.42
CA VAL A 186 -5.05 -7.59 20.93
C VAL A 186 -4.37 -8.90 20.53
N ARG A 187 -4.67 -9.95 21.29
CA ARG A 187 -4.06 -11.26 21.03
C ARG A 187 -4.74 -11.98 19.87
N SER A 188 -6.04 -11.74 19.71
CA SER A 188 -6.84 -12.39 18.68
C SER A 188 -7.76 -11.39 18.02
N ILE A 189 -7.91 -11.48 16.70
CA ILE A 189 -8.81 -10.58 15.98
C ILE A 189 -10.16 -10.63 16.64
N GLN A 190 -10.85 -9.50 16.67
CA GLN A 190 -12.14 -9.43 17.33
C GLN A 190 -12.69 -8.00 17.40
N PRO B 7 -13.33 -35.09 9.21
CA PRO B 7 -12.49 -36.20 8.81
C PRO B 7 -12.41 -36.31 7.29
N ILE B 8 -12.09 -35.20 6.65
CA ILE B 8 -11.82 -35.20 5.23
C ILE B 8 -10.40 -35.73 5.03
N LYS B 9 -10.17 -36.48 3.95
CA LYS B 9 -8.81 -36.79 3.55
C LYS B 9 -8.61 -36.49 2.07
N ALA B 10 -7.51 -35.82 1.74
CA ALA B 10 -7.18 -35.51 0.36
C ALA B 10 -5.71 -35.78 0.00
N SER B 11 -5.47 -36.02 -1.28
N SER B 11 -5.44 -36.03 -1.28
CA SER B 11 -4.11 -36.20 -1.80
CA SER B 11 -4.07 -36.22 -1.75
C SER B 11 -3.76 -35.06 -2.74
C SER B 11 -3.73 -35.16 -2.79
N GLY B 12 -2.49 -34.70 -2.82
CA GLY B 12 -2.07 -33.70 -3.78
C GLY B 12 -0.71 -33.87 -4.37
N VAL B 13 -0.49 -33.23 -5.51
CA VAL B 13 0.84 -33.20 -6.11
C VAL B 13 1.48 -31.84 -5.94
N LEU B 14 2.69 -31.83 -5.38
CA LEU B 14 3.48 -30.64 -5.22
C LEU B 14 4.12 -30.27 -6.55
N ILE B 15 3.78 -29.09 -7.06
CA ILE B 15 4.30 -28.64 -8.33
C ILE B 15 4.51 -27.13 -8.22
N GLY B 16 5.69 -26.64 -8.57
CA GLY B 16 6.02 -25.25 -8.25
C GLY B 16 5.83 -25.04 -6.76
N ASP B 17 5.29 -23.89 -6.37
CA ASP B 17 5.10 -23.66 -4.94
C ASP B 17 3.65 -23.88 -4.57
N SER B 18 3.05 -24.91 -5.15
CA SER B 18 1.64 -25.19 -4.96
C SER B 18 1.41 -26.69 -4.87
N VAL B 19 0.25 -27.06 -4.33
CA VAL B 19 -0.21 -28.42 -4.36
C VAL B 19 -1.51 -28.43 -5.13
N LEU B 20 -1.61 -29.31 -6.13
CA LEU B 20 -2.83 -29.44 -6.88
C LEU B 20 -3.57 -30.70 -6.44
N VAL B 21 -4.84 -30.50 -6.09
CA VAL B 21 -5.78 -31.58 -5.78
C VAL B 21 -6.65 -31.83 -7.00
N THR B 22 -6.39 -32.93 -7.73
CA THR B 22 -7.08 -33.17 -8.98
C THR B 22 -8.29 -34.09 -8.84
N ASP B 23 -8.39 -34.82 -7.74
CA ASP B 23 -9.59 -35.61 -7.48
C ASP B 23 -10.75 -34.65 -7.23
N VAL B 24 -11.84 -34.77 -7.98
CA VAL B 24 -12.89 -33.76 -7.96
C VAL B 24 -13.61 -33.76 -6.62
N GLU B 25 -13.88 -34.95 -6.12
CA GLU B 25 -14.58 -35.08 -4.85
C GLU B 25 -13.72 -34.56 -3.70
N GLN B 26 -12.42 -34.83 -3.72
CA GLN B 26 -11.52 -34.24 -2.70
C GLN B 26 -11.42 -32.72 -2.83
N ALA B 27 -11.27 -32.26 -4.07
CA ALA B 27 -11.20 -30.83 -4.35
C ALA B 27 -12.45 -30.15 -3.82
N ARG B 28 -13.62 -30.64 -4.20
CA ARG B 28 -14.88 -30.10 -3.66
C ARG B 28 -14.98 -30.12 -2.13
N SER B 29 -14.54 -31.22 -1.52
N SER B 29 -14.50 -31.20 -1.51
CA SER B 29 -14.58 -31.33 -0.07
CA SER B 29 -14.59 -31.34 -0.05
C SER B 29 -13.79 -30.19 0.55
C SER B 29 -13.72 -30.33 0.69
N LEU B 30 -12.50 -30.12 0.21
CA LEU B 30 -11.63 -29.10 0.81
C LEU B 30 -12.22 -27.69 0.71
N TYR B 31 -12.72 -27.33 -0.46
CA TYR B 31 -13.28 -26.03 -0.57
C TYR B 31 -14.58 -25.91 0.29
N SER B 32 -15.38 -26.96 0.32
CA SER B 32 -16.67 -26.94 1.02
C SER B 32 -16.53 -26.91 2.52
N CYS B 33 -15.52 -27.60 3.02
CA CYS B 33 -15.32 -27.78 4.44
C CYS B 33 -14.18 -26.92 4.91
N GLY B 34 -14.40 -25.62 4.85
CA GLY B 34 -13.47 -24.67 5.45
C GLY B 34 -12.93 -23.69 4.44
N TYR B 35 -13.38 -23.79 3.19
CA TYR B 35 -12.90 -22.85 2.18
C TYR B 35 -11.38 -22.86 2.05
N TYR B 36 -10.82 -24.06 1.92
CA TYR B 36 -9.42 -24.16 1.49
C TYR B 36 -9.25 -24.20 -0.04
N GLY B 37 -8.22 -23.51 -0.49
CA GLY B 37 -7.79 -23.60 -1.91
C GLY B 37 -8.57 -22.77 -2.91
N GLN B 38 -8.14 -22.84 -4.18
CA GLN B 38 -8.69 -22.04 -5.23
C GLN B 38 -8.94 -22.91 -6.44
N PRO B 39 -10.20 -23.02 -6.87
CA PRO B 39 -10.46 -23.87 -8.07
C PRO B 39 -9.83 -23.21 -9.27
N LEU B 40 -9.17 -24.02 -10.10
CA LEU B 40 -8.51 -23.43 -11.24
C LEU B 40 -9.44 -23.15 -12.42
N ASP B 41 -10.65 -23.71 -12.38
CA ASP B 41 -11.57 -23.60 -13.51
C ASP B 41 -12.60 -22.53 -13.26
N VAL B 42 -12.76 -22.13 -11.99
CA VAL B 42 -13.79 -21.18 -11.62
C VAL B 42 -13.22 -20.25 -10.58
N GLU B 43 -13.27 -18.94 -10.84
CA GLU B 43 -12.69 -17.96 -9.88
C GLU B 43 -13.48 -17.80 -8.56
N LYS B 44 -14.80 -17.59 -8.63
CA LYS B 44 -15.63 -17.68 -7.43
C LYS B 44 -16.82 -18.60 -7.65
N PRO B 45 -16.69 -19.87 -7.26
CA PRO B 45 -17.75 -20.87 -7.41
C PRO B 45 -19.04 -20.51 -6.67
N ARG B 46 -20.14 -21.16 -7.06
CA ARG B 46 -21.35 -21.13 -6.24
C ARG B 46 -21.33 -22.37 -5.38
N GLY B 47 -20.98 -22.23 -4.10
CA GLY B 47 -20.87 -23.40 -3.25
C GLY B 47 -19.79 -24.33 -3.82
N ALA B 48 -20.20 -25.52 -4.27
CA ALA B 48 -19.25 -26.57 -4.63
C ALA B 48 -19.17 -26.83 -6.13
N ASP B 49 -19.91 -26.07 -6.94
CA ASP B 49 -20.00 -26.38 -8.35
C ASP B 49 -18.77 -25.96 -9.15
N PHE B 50 -17.71 -26.76 -9.07
CA PHE B 50 -16.58 -26.59 -9.96
C PHE B 50 -15.96 -27.95 -10.22
N GLU B 51 -15.06 -28.01 -11.20
CA GLU B 51 -14.35 -29.27 -11.49
C GLU B 51 -12.92 -29.27 -10.95
N GLY B 52 -12.32 -28.09 -10.83
CA GLY B 52 -10.94 -28.02 -10.36
C GLY B 52 -9.98 -28.17 -11.51
N PRO B 53 -8.72 -28.54 -11.20
CA PRO B 53 -8.25 -28.90 -9.85
C PRO B 53 -8.29 -27.77 -8.84
N LEU B 54 -8.23 -28.14 -7.58
CA LEU B 54 -8.12 -27.15 -6.50
C LEU B 54 -6.64 -26.89 -6.30
N ARG B 55 -6.22 -25.62 -6.41
CA ARG B 55 -4.83 -25.27 -6.16
C ARG B 55 -4.76 -24.85 -4.68
N LEU B 56 -3.90 -25.51 -3.92
CA LEU B 56 -3.58 -25.08 -2.56
C LEU B 56 -2.28 -24.32 -2.56
N SER B 57 -2.24 -23.26 -1.77
CA SER B 57 -1.03 -22.50 -1.65
C SER B 57 -0.12 -23.36 -0.80
N LEU B 58 1.18 -23.04 -0.81
CA LEU B 58 2.14 -23.77 0.00
C LEU B 58 1.77 -23.62 1.49
N ILE B 59 1.38 -22.43 1.90
CA ILE B 59 1.00 -22.22 3.29
CA ILE B 59 0.95 -22.18 3.27
C ILE B 59 -0.21 -23.09 3.66
N GLU B 60 -1.20 -23.16 2.78
CA GLU B 60 -2.36 -23.98 3.05
C GLU B 60 -1.99 -25.44 3.08
N SER B 61 -1.11 -25.81 2.19
CA SER B 61 -0.71 -27.23 2.11
C SER B 61 0.06 -27.64 3.36
N LEU B 62 1.00 -26.81 3.81
CA LEU B 62 1.64 -27.14 5.10
C LEU B 62 0.62 -27.32 6.25
N TYR B 63 -0.32 -26.38 6.35
CA TYR B 63 -1.34 -26.42 7.40
C TYR B 63 -2.14 -27.72 7.34
N LEU B 64 -2.61 -28.06 6.12
CA LEU B 64 -3.47 -29.22 5.98
C LEU B 64 -2.76 -30.56 6.19
N ALA B 65 -1.52 -30.62 5.71
CA ALA B 65 -0.66 -31.72 5.97
C ALA B 65 -0.40 -31.91 7.48
N GLU B 66 -0.10 -30.80 8.15
CA GLU B 66 0.21 -30.85 9.57
C GLU B 66 -1.05 -31.25 10.36
N LYS B 67 -2.22 -30.89 9.86
CA LYS B 67 -3.48 -31.26 10.52
C LYS B 67 -3.91 -32.68 10.19
N GLY B 68 -3.15 -33.36 9.33
CA GLY B 68 -3.41 -34.76 8.94
C GLY B 68 -4.49 -34.92 7.87
N VAL B 69 -4.85 -33.82 7.22
CA VAL B 69 -5.92 -33.86 6.22
C VAL B 69 -5.39 -34.17 4.82
N LEU B 70 -4.19 -33.68 4.53
CA LEU B 70 -3.64 -33.73 3.17
C LEU B 70 -2.39 -34.58 3.09
N GLU B 71 -2.31 -35.40 2.05
CA GLU B 71 -1.09 -36.14 1.79
C GLU B 71 -0.53 -35.65 0.46
N VAL B 72 0.72 -35.22 0.46
CA VAL B 72 1.33 -34.61 -0.74
C VAL B 72 2.38 -35.53 -1.37
N ALA B 73 2.39 -35.64 -2.68
CA ALA B 73 3.45 -36.37 -3.35
C ALA B 73 4.14 -35.49 -4.38
N LYS B 74 5.36 -35.85 -4.74
CA LYS B 74 6.01 -35.14 -5.83
C LYS B 74 5.48 -35.72 -7.16
N PRO B 75 5.79 -35.06 -8.28
CA PRO B 75 5.33 -35.64 -9.53
C PRO B 75 5.88 -37.05 -9.75
N ASP B 76 7.03 -37.39 -9.19
CA ASP B 76 7.57 -38.77 -9.34
C ASP B 76 6.90 -39.76 -8.38
N GLY B 77 5.97 -39.25 -7.59
CA GLY B 77 5.19 -40.10 -6.69
C GLY B 77 5.77 -40.27 -5.31
N SER B 78 6.98 -39.74 -5.08
CA SER B 78 7.55 -39.90 -3.73
C SER B 78 6.86 -39.00 -2.76
N SER B 79 6.97 -39.34 -1.48
N SER B 79 7.00 -39.34 -1.48
CA SER B 79 6.25 -38.59 -0.46
CA SER B 79 6.31 -38.62 -0.41
C SER B 79 6.95 -37.30 -0.10
C SER B 79 6.97 -37.28 -0.12
N VAL B 80 6.13 -36.26 0.08
CA VAL B 80 6.60 -34.98 0.58
C VAL B 80 6.06 -34.94 2.01
N GLY B 81 6.95 -34.93 2.99
CA GLY B 81 6.53 -34.91 4.38
C GLY B 81 6.17 -33.51 4.86
N VAL B 82 5.54 -33.46 6.03
CA VAL B 82 5.22 -32.18 6.64
C VAL B 82 6.52 -31.38 6.78
N GLU B 83 7.60 -32.02 7.24
CA GLU B 83 8.84 -31.25 7.40
C GLU B 83 9.42 -30.77 6.08
N ASP B 84 9.14 -31.47 4.98
CA ASP B 84 9.56 -30.99 3.65
C ASP B 84 8.78 -29.75 3.20
N LEU B 85 7.48 -29.76 3.41
CA LEU B 85 6.67 -28.53 3.21
C LEU B 85 7.11 -27.42 4.14
N ARG B 86 7.39 -27.75 5.41
CA ARG B 86 7.83 -26.72 6.35
C ARG B 86 9.11 -26.07 5.82
N THR B 87 10.04 -26.89 5.32
CA THR B 87 11.28 -26.35 4.76
C THR B 87 11.06 -25.40 3.60
N ALA B 88 10.12 -25.75 2.73
CA ALA B 88 9.78 -24.93 1.57
C ALA B 88 9.21 -23.56 2.01
N VAL B 89 8.38 -23.60 3.04
CA VAL B 89 7.68 -22.41 3.52
C VAL B 89 8.68 -21.53 4.25
N ARG B 90 9.45 -22.16 5.14
CA ARG B 90 10.45 -21.42 5.93
C ARG B 90 11.56 -20.80 5.10
N GLY B 91 11.83 -21.37 3.92
CA GLY B 91 12.86 -20.86 3.03
C GLY B 91 12.44 -19.66 2.20
N ASN B 92 11.16 -19.29 2.27
CA ASN B 92 10.63 -18.13 1.54
C ASN B 92 10.22 -17.08 2.56
N PRO B 93 10.91 -15.91 2.60
CA PRO B 93 10.60 -14.98 3.69
C PRO B 93 9.13 -14.57 3.77
N ARG B 94 8.51 -14.32 2.62
CA ARG B 94 7.10 -13.93 2.65
C ARG B 94 6.25 -15.08 3.14
N PHE B 95 6.40 -16.27 2.56
CA PHE B 95 5.58 -17.39 3.00
C PHE B 95 5.79 -17.80 4.45
N SER B 96 7.01 -17.67 4.96
CA SER B 96 7.27 -17.96 6.36
C SER B 96 6.44 -17.10 7.31
N MET B 97 6.45 -15.80 7.02
CA MET B 97 5.69 -14.81 7.78
C MET B 97 4.18 -15.08 7.68
N LEU B 98 3.70 -15.25 6.45
CA LEU B 98 2.31 -15.47 6.22
C LEU B 98 1.82 -16.76 6.87
N TYR B 99 2.68 -17.80 6.83
CA TYR B 99 2.31 -19.05 7.47
C TYR B 99 2.01 -18.87 8.91
N ASN B 100 2.86 -18.14 9.63
CA ASN B 100 2.64 -17.99 11.05
C ASN B 100 1.31 -17.34 11.41
N ILE B 101 0.91 -16.35 10.62
CA ILE B 101 -0.41 -15.68 10.79
C ILE B 101 -1.55 -16.58 10.33
N TYR B 102 -1.34 -17.19 9.14
CA TYR B 102 -2.28 -18.16 8.61
C TYR B 102 -2.67 -19.22 9.65
N ARG B 103 -1.67 -19.90 10.24
CA ARG B 103 -1.89 -20.92 11.21
C ARG B 103 -2.66 -20.41 12.46
N ASP B 104 -2.26 -19.25 12.92
CA ASP B 104 -2.81 -18.68 14.15
C ASP B 104 -4.30 -18.35 14.03
N LEU B 105 -4.65 -17.79 12.86
CA LEU B 105 -6.06 -17.47 12.55
C LEU B 105 -6.88 -18.75 12.31
N ARG B 106 -6.34 -19.72 11.55
CA ARG B 106 -7.07 -20.97 11.34
C ARG B 106 -7.26 -21.70 12.70
N GLU B 107 -6.25 -21.67 13.55
CA GLU B 107 -6.36 -22.41 14.82
C GLU B 107 -7.39 -21.76 15.72
N ARG B 108 -7.59 -20.47 15.50
CA ARG B 108 -8.56 -19.66 16.24
C ARG B 108 -9.96 -19.81 15.67
N GLY B 109 -10.05 -20.53 14.55
CA GLY B 109 -11.35 -20.86 13.93
C GLY B 109 -11.81 -19.97 12.79
N PHE B 110 -10.95 -19.07 12.35
CA PHE B 110 -11.29 -18.24 11.21
C PHE B 110 -11.06 -19.00 9.92
N VAL B 111 -11.69 -18.53 8.86
N VAL B 111 -11.67 -18.47 8.84
CA VAL B 111 -11.32 -18.97 7.52
CA VAL B 111 -11.42 -18.95 7.46
C VAL B 111 -10.35 -17.92 7.04
C VAL B 111 -10.49 -17.93 6.78
N VAL B 112 -9.27 -18.34 6.41
CA VAL B 112 -8.28 -17.40 5.94
C VAL B 112 -8.06 -17.56 4.42
N ARG B 113 -8.25 -16.51 3.63
CA ARG B 113 -8.14 -16.56 2.22
C ARG B 113 -7.19 -15.51 1.76
N SER B 114 -6.77 -15.63 0.51
CA SER B 114 -5.96 -14.56 -0.09
C SER B 114 -6.64 -13.17 0.01
N GLY B 115 -5.83 -12.14 0.28
CA GLY B 115 -6.39 -10.74 0.35
C GLY B 115 -6.20 -10.00 -0.94
N LEU B 116 -5.90 -10.73 -2.04
CA LEU B 116 -5.56 -10.16 -3.35
C LEU B 116 -6.62 -9.17 -3.76
N LYS B 117 -7.89 -9.57 -3.68
CA LYS B 117 -8.88 -8.69 -4.26
C LYS B 117 -9.05 -7.41 -3.44
N PHE B 118 -8.49 -7.40 -2.22
CA PHE B 118 -8.67 -6.29 -1.31
C PHE B 118 -7.36 -5.52 -1.14
N GLY B 119 -6.37 -5.92 -1.92
CA GLY B 119 -5.02 -5.35 -1.86
C GLY B 119 -4.22 -5.67 -0.60
N SER B 120 -4.51 -6.80 0.07
CA SER B 120 -3.87 -7.10 1.34
C SER B 120 -3.30 -8.48 1.31
N ASP B 121 -2.73 -8.89 2.44
CA ASP B 121 -2.10 -10.23 2.51
C ASP B 121 -3.15 -11.25 2.76
N PHE B 122 -4.14 -10.90 3.59
CA PHE B 122 -5.22 -11.86 3.81
C PHE B 122 -6.58 -11.20 3.79
N ALA B 123 -7.60 -11.99 3.43
CA ALA B 123 -9.01 -11.67 3.74
C ALA B 123 -9.50 -12.72 4.72
N VAL B 124 -9.94 -12.30 5.91
CA VAL B 124 -10.24 -13.26 6.98
C VAL B 124 -11.70 -13.24 7.34
N TYR B 125 -12.33 -14.42 7.33
CA TYR B 125 -13.75 -14.49 7.56
C TYR B 125 -14.07 -15.31 8.78
N ARG B 126 -15.23 -15.06 9.40
N ARG B 126 -15.24 -15.08 9.37
CA ARG B 126 -15.70 -15.90 10.48
CA ARG B 126 -15.72 -15.89 10.48
C ARG B 126 -16.33 -17.17 9.93
C ARG B 126 -16.51 -17.10 10.01
N LEU B 127 -17.03 -17.04 8.80
CA LEU B 127 -17.77 -18.14 8.18
CA LEU B 127 -17.60 -18.26 8.24
C LEU B 127 -17.28 -18.44 6.77
N GLY B 128 -17.24 -17.39 5.96
CA GLY B 128 -16.70 -17.58 4.60
C GLY B 128 -17.05 -16.48 3.63
N PRO B 129 -16.39 -16.48 2.47
CA PRO B 129 -16.67 -15.45 1.48
C PRO B 129 -18.11 -15.56 1.05
N GLY B 130 -18.80 -14.43 0.99
CA GLY B 130 -20.20 -14.42 0.64
C GLY B 130 -21.12 -14.65 1.82
N ILE B 131 -20.55 -15.01 2.96
CA ILE B 131 -21.34 -15.30 4.13
C ILE B 131 -21.26 -14.19 5.17
N ASP B 132 -20.02 -13.87 5.59
CA ASP B 132 -19.75 -12.65 6.33
C ASP B 132 -20.18 -11.47 5.47
N ALA B 133 -20.66 -10.42 6.12
CA ALA B 133 -20.93 -9.17 5.43
C ALA B 133 -19.61 -8.66 4.79
N ALA B 134 -18.52 -8.77 5.52
CA ALA B 134 -17.22 -8.29 5.04
C ALA B 134 -16.10 -9.01 5.76
N PRO B 135 -15.01 -9.33 5.04
CA PRO B 135 -13.83 -9.89 5.70
C PRO B 135 -13.06 -8.90 6.53
N PHE B 136 -12.22 -9.40 7.41
CA PHE B 136 -11.21 -8.56 8.07
C PHE B 136 -10.07 -8.52 7.05
N ILE B 137 -9.60 -7.32 6.71
CA ILE B 137 -8.48 -7.16 5.80
C ILE B 137 -7.21 -7.08 6.64
N VAL B 138 -6.30 -8.00 6.41
CA VAL B 138 -5.13 -8.20 7.28
C VAL B 138 -3.85 -8.01 6.48
N HIS B 139 -2.99 -7.15 7.00
CA HIS B 139 -1.68 -6.86 6.53
C HIS B 139 -0.63 -7.49 7.46
N ALA B 140 0.31 -8.23 6.87
CA ALA B 140 1.32 -8.90 7.62
C ALA B 140 2.62 -8.10 7.78
N TYR B 141 3.15 -8.06 8.99
CA TYR B 141 4.39 -7.41 9.36
C TYR B 141 5.23 -8.20 10.36
N SER B 142 6.53 -7.95 10.35
CA SER B 142 7.38 -8.27 11.45
C SER B 142 7.37 -7.04 12.35
N PRO B 143 7.53 -7.22 13.66
CA PRO B 143 7.68 -6.02 14.49
C PRO B 143 8.94 -5.25 14.18
N GLU B 144 9.87 -5.86 13.43
CA GLU B 144 11.09 -5.16 13.09
C GLU B 144 10.98 -4.33 11.82
N ASP B 145 9.87 -4.47 11.11
CA ASP B 145 9.64 -3.69 9.91
C ASP B 145 9.47 -2.22 10.24
N ASN B 146 10.07 -1.36 9.43
CA ASN B 146 9.85 0.07 9.54
C ASN B 146 8.86 0.50 8.46
N ILE B 147 7.92 1.36 8.85
CA ILE B 147 7.01 1.91 7.87
C ILE B 147 6.99 3.42 8.00
N ASP B 148 6.68 4.08 6.91
CA ASP B 148 6.31 5.50 7.03
C ASP B 148 4.90 5.52 7.62
N PRO B 149 4.61 6.49 8.48
CA PRO B 149 3.27 6.57 9.04
C PRO B 149 2.17 6.66 7.97
N VAL B 150 2.45 7.24 6.82
CA VAL B 150 1.38 7.27 5.82
C VAL B 150 0.98 5.92 5.27
N GLU B 151 1.81 4.89 5.48
CA GLU B 151 1.40 3.55 5.09
C GLU B 151 0.18 3.08 5.90
N ILE B 152 -0.02 3.65 7.11
CA ILE B 152 -1.22 3.32 7.90
C ILE B 152 -2.43 3.94 7.19
N VAL B 153 -2.26 5.12 6.66
CA VAL B 153 -3.34 5.76 5.91
C VAL B 153 -3.62 4.99 4.62
N ARG B 154 -2.58 4.42 4.01
CA ARG B 154 -2.80 3.64 2.78
C ARG B 154 -3.70 2.44 3.11
N ALA B 155 -3.42 1.77 4.23
CA ALA B 155 -4.24 0.66 4.68
C ALA B 155 -5.68 1.09 4.87
N GLY B 156 -5.85 2.25 5.48
CA GLY B 156 -7.17 2.78 5.65
C GLY B 156 -7.88 3.01 4.34
N ARG B 157 -7.18 3.43 3.28
CA ARG B 157 -7.81 3.69 1.99
CA ARG B 157 -7.88 3.70 2.04
C ARG B 157 -8.30 2.40 1.37
N LEU B 158 -7.48 1.36 1.54
CA LEU B 158 -7.80 0.03 1.05
C LEU B 158 -9.05 -0.52 1.72
N SER B 159 -9.30 -0.15 2.97
CA SER B 159 -10.44 -0.76 3.65
C SER B 159 -11.66 0.13 3.62
N HIS B 160 -11.51 1.31 3.03
CA HIS B 160 -12.55 2.33 3.08
C HIS B 160 -13.90 1.93 2.48
N SER B 161 -13.84 1.06 1.47
CA SER B 161 -15.04 0.57 0.86
C SER B 161 -15.63 -0.68 1.53
N VAL B 162 -14.97 -1.23 2.54
CA VAL B 162 -15.19 -2.60 3.02
C VAL B 162 -15.81 -2.68 4.42
N ARG B 163 -15.01 -2.25 5.38
CA ARG B 163 -15.32 -1.67 6.63
C ARG B 163 -14.07 -0.84 6.72
N LYS B 164 -14.15 0.35 7.24
CA LYS B 164 -12.91 1.05 7.42
C LYS B 164 -12.27 0.48 8.66
N LYS B 165 -12.18 -0.85 8.79
CA LYS B 165 -11.62 -1.48 10.02
C LYS B 165 -10.64 -2.64 9.84
N PHE B 166 -9.37 -2.31 9.74
CA PHE B 166 -8.39 -3.23 9.18
C PHE B 166 -7.43 -3.70 10.24
N VAL B 167 -6.59 -4.65 9.87
CA VAL B 167 -5.81 -5.33 10.87
C VAL B 167 -4.37 -5.41 10.47
N PHE B 168 -3.46 -5.20 11.42
CA PHE B 168 -2.07 -5.44 11.13
C PHE B 168 -1.75 -6.67 11.94
N ALA B 169 -1.32 -7.75 11.31
CA ALA B 169 -0.91 -8.97 12.04
C ALA B 169 0.58 -8.92 12.18
N VAL B 170 1.09 -9.05 13.40
CA VAL B 170 2.49 -8.75 13.66
C VAL B 170 3.15 -9.99 14.20
N THR B 171 4.19 -10.47 13.53
CA THR B 171 4.66 -11.80 13.92
C THR B 171 6.16 -11.88 13.96
N ARG B 172 6.66 -12.59 14.96
CA ARG B 172 8.07 -12.92 15.11
C ARG B 172 8.22 -14.08 16.07
N GLY B 173 9.20 -14.94 15.81
CA GLY B 173 9.44 -16.10 16.65
C GLY B 173 8.29 -17.10 16.64
N GLY B 174 7.41 -17.01 15.65
CA GLY B 174 6.25 -17.90 15.54
C GLY B 174 5.01 -17.34 16.21
N ASP B 175 5.20 -16.30 16.99
CA ASP B 175 4.10 -15.71 17.74
C ASP B 175 3.44 -14.61 16.92
N VAL B 176 2.16 -14.36 17.17
CA VAL B 176 1.43 -13.37 16.41
C VAL B 176 0.57 -12.52 17.35
N SER B 177 0.55 -11.22 17.11
CA SER B 177 -0.47 -10.42 17.75
C SER B 177 -1.00 -9.45 16.75
N TYR B 178 -2.09 -8.79 17.11
CA TYR B 178 -2.79 -8.02 16.10
C TYR B 178 -3.04 -6.58 16.54
N LEU B 179 -3.06 -5.68 15.57
CA LEU B 179 -3.46 -4.29 15.86
C LEU B 179 -4.74 -4.09 15.08
N MET B 180 -5.85 -3.80 15.78
CA MET B 180 -7.13 -3.56 15.14
C MET B 180 -7.21 -2.05 14.92
N ILE B 181 -7.30 -1.62 13.66
CA ILE B 181 -7.21 -0.20 13.37
C ILE B 181 -8.50 0.25 12.72
N ASP B 182 -9.06 1.34 13.24
CA ASP B 182 -10.23 1.85 12.56
C ASP B 182 -10.23 3.37 12.50
N TRP B 183 -10.83 3.91 11.46
CA TRP B 183 -10.95 5.37 11.34
C TRP B 183 -11.60 5.94 12.60
N PHE B 184 -11.14 7.11 13.02
CA PHE B 184 -11.56 7.66 14.31
C PHE B 184 -11.86 9.15 14.14
N ARG B 185 -12.94 9.59 14.76
CA ARG B 185 -13.24 11.03 14.81
C ARG B 185 -13.20 11.53 16.27
N PRO B 186 -12.17 12.31 16.62
CA PRO B 186 -12.10 12.85 17.99
C PRO B 186 -13.26 13.81 18.30
N GLY C 30 -11.28 -39.97 -23.08
CA GLY C 30 -10.95 -40.34 -24.49
C GLY C 30 -9.93 -39.40 -25.12
N CYS C 31 -8.65 -39.75 -25.02
CA CYS C 31 -7.58 -38.94 -25.60
C CYS C 31 -7.67 -38.97 -27.12
N LYS C 32 -7.35 -37.84 -27.75
CA LYS C 32 -7.38 -37.74 -29.20
C LYS C 32 -6.02 -38.07 -29.79
N ALA C 33 -5.00 -38.10 -28.94
CA ALA C 33 -3.66 -38.42 -29.38
C ALA C 33 -2.81 -38.81 -28.18
N ALA C 34 -1.73 -39.54 -28.41
CA ALA C 34 -0.87 -39.92 -27.30
C ALA C 34 0.55 -39.46 -27.59
N ALA C 35 1.28 -39.06 -26.56
CA ALA C 35 2.62 -38.51 -26.73
C ALA C 35 3.55 -39.09 -25.67
N ARG C 36 4.84 -38.78 -25.83
CA ARG C 36 5.83 -39.19 -24.85
C ARG C 36 6.77 -38.05 -24.53
N LEU C 37 7.40 -38.16 -23.38
CA LEU C 37 8.30 -37.14 -22.91
C LEU C 37 9.73 -37.46 -23.34
N GLY C 38 10.32 -36.57 -24.12
CA GLY C 38 11.73 -36.67 -24.46
C GLY C 38 12.52 -35.94 -23.40
N VAL C 39 13.84 -35.94 -23.54
CA VAL C 39 14.66 -35.16 -22.62
C VAL C 39 14.34 -33.67 -22.79
N GLU C 40 14.05 -33.26 -24.01
CA GLU C 40 13.93 -31.82 -24.32
C GLU C 40 12.62 -31.35 -24.95
N GLY C 41 11.69 -32.27 -25.20
CA GLY C 41 10.42 -31.88 -25.82
C GLY C 41 9.40 -33.00 -25.67
N VAL C 42 8.28 -32.85 -26.37
CA VAL C 42 7.17 -33.80 -26.33
C VAL C 42 6.94 -34.25 -27.75
N PHE C 43 6.82 -35.57 -27.92
CA PHE C 43 6.68 -36.16 -29.24
C PHE C 43 5.38 -36.96 -29.36
N VAL C 44 4.50 -36.55 -30.25
CA VAL C 44 3.25 -37.22 -30.50
C VAL C 44 3.52 -38.56 -31.20
N GLU C 45 3.07 -39.63 -30.59
CA GLU C 45 3.33 -40.94 -31.17
C GLU C 45 2.14 -41.57 -31.90
N GLU C 46 0.95 -41.12 -31.58
CA GLU C 46 -0.20 -41.67 -32.19
C GLU C 46 -1.34 -40.70 -32.21
N CYS C 47 -1.98 -40.53 -33.36
CA CYS C 47 -3.15 -39.66 -33.44
C CYS C 47 -4.36 -40.53 -33.57
N PHE C 48 -5.19 -40.55 -32.53
CA PHE C 48 -6.42 -41.32 -32.56
C PHE C 48 -7.47 -40.60 -33.42
N ASP C 49 -7.51 -39.27 -33.31
CA ASP C 49 -8.36 -38.45 -34.18
C ASP C 49 -7.47 -37.64 -35.12
N GLY C 50 -7.40 -38.07 -36.37
CA GLY C 50 -6.52 -37.44 -37.34
C GLY C 50 -6.79 -35.96 -37.40
N SER C 51 -8.07 -35.60 -37.37
CA SER C 51 -8.50 -34.21 -37.52
C SER C 51 -7.85 -33.34 -36.45
N TYR C 52 -7.74 -33.92 -35.26
CA TYR C 52 -7.18 -33.21 -34.11
C TYR C 52 -5.73 -32.83 -34.36
N CYS C 53 -4.92 -33.78 -34.82
CA CYS C 53 -3.50 -33.49 -35.02
C CYS C 53 -3.29 -32.55 -36.16
N ARG C 54 -4.03 -32.76 -37.26
CA ARG C 54 -3.92 -31.89 -38.40
C ARG C 54 -4.18 -30.44 -38.02
N ASN C 55 -5.12 -30.22 -37.09
CA ASN C 55 -5.44 -28.88 -36.63
C ASN C 55 -4.31 -28.30 -35.77
N LEU C 56 -3.74 -29.12 -34.90
CA LEU C 56 -2.56 -28.69 -34.14
C LEU C 56 -1.41 -28.32 -35.07
N GLU C 57 -1.31 -29.03 -36.19
CA GLU C 57 -0.32 -28.70 -37.20
C GLU C 57 -0.67 -27.39 -37.88
N ARG C 58 -1.94 -27.23 -38.25
CA ARG C 58 -2.40 -26.04 -38.92
C ARG C 58 -2.09 -24.78 -38.13
N ILE C 59 -2.34 -24.81 -36.81
CA ILE C 59 -2.07 -23.61 -36.01
C ILE C 59 -0.63 -23.52 -35.54
N GLY C 60 0.18 -24.55 -35.85
CA GLY C 60 1.63 -24.43 -35.68
C GLY C 60 2.28 -25.06 -34.45
N TYR C 61 1.49 -25.68 -33.59
CA TYR C 61 2.03 -26.18 -32.35
C TYR C 61 2.65 -27.56 -32.56
N LEU C 62 2.18 -28.26 -33.59
CA LEU C 62 2.64 -29.63 -33.86
C LEU C 62 3.34 -29.65 -35.19
N ARG C 63 4.58 -30.13 -35.18
CA ARG C 63 5.38 -30.14 -36.41
C ARG C 63 6.29 -31.36 -36.40
N LYS C 64 6.11 -32.24 -37.39
CA LYS C 64 7.05 -33.33 -37.51
C LYS C 64 7.02 -34.21 -36.25
N GLY C 65 5.85 -34.29 -35.62
CA GLY C 65 5.70 -35.08 -34.41
C GLY C 65 5.97 -34.31 -33.12
N ARG C 66 6.69 -33.20 -33.21
CA ARG C 66 7.09 -32.46 -32.02
C ARG C 66 6.00 -31.50 -31.63
N LEU C 67 5.53 -31.60 -30.39
CA LEU C 67 4.50 -30.68 -29.94
C LEU C 67 5.09 -29.72 -28.88
N GLU C 68 4.83 -28.43 -29.05
CA GLU C 68 5.40 -27.44 -28.14
C GLU C 68 4.99 -27.79 -26.71
N PRO C 69 5.94 -27.76 -25.77
CA PRO C 69 5.73 -28.18 -24.39
C PRO C 69 4.49 -27.53 -23.74
N LEU C 70 4.35 -26.20 -23.82
CA LEU C 70 3.21 -25.60 -23.13
C LEU C 70 1.89 -26.06 -23.76
N GLU C 71 1.86 -26.17 -25.09
CA GLU C 71 0.65 -26.65 -25.74
C GLU C 71 0.38 -28.12 -25.35
N ALA C 72 1.42 -28.92 -25.21
CA ALA C 72 1.22 -30.31 -24.75
C ALA C 72 0.60 -30.33 -23.35
N ALA C 73 1.11 -29.50 -22.45
CA ALA C 73 0.53 -29.47 -21.13
C ALA C 73 -0.95 -29.03 -21.18
N TYR C 74 -1.27 -28.05 -22.03
CA TYR C 74 -2.64 -27.54 -22.14
C TYR C 74 -3.60 -28.58 -22.70
N GLN C 75 -3.16 -29.21 -23.78
CA GLN C 75 -3.95 -30.27 -24.39
C GLN C 75 -4.18 -31.42 -23.43
N ALA C 76 -3.15 -31.80 -22.66
CA ALA C 76 -3.33 -32.77 -21.57
C ALA C 76 -4.34 -32.30 -20.52
N SER C 77 -4.22 -31.06 -20.07
CA SER C 77 -5.13 -30.54 -19.04
C SER C 77 -6.55 -30.57 -19.54
N ARG C 78 -6.73 -30.53 -20.87
CA ARG C 78 -8.04 -30.52 -21.47
C ARG C 78 -8.55 -31.95 -21.59
N GLY C 79 -7.70 -32.92 -21.26
CA GLY C 79 -8.04 -34.35 -21.45
C GLY C 79 -7.88 -34.86 -22.88
N MET C 80 -7.21 -34.09 -23.74
CA MET C 80 -7.16 -34.43 -25.19
C MET C 80 -5.88 -35.15 -25.59
N LEU C 81 -4.80 -34.87 -24.85
CA LEU C 81 -3.50 -35.49 -25.10
C LEU C 81 -3.16 -36.42 -23.96
N CYS C 82 -2.91 -37.69 -24.29
CA CYS C 82 -2.44 -38.65 -23.32
C CYS C 82 -0.91 -38.71 -23.31
N MET C 83 -0.35 -38.89 -22.12
CA MET C 83 1.08 -39.15 -21.99
C MET C 83 1.24 -40.57 -21.47
N GLY C 84 1.49 -41.51 -22.38
CA GLY C 84 1.34 -42.93 -22.07
C GLY C 84 -0.14 -43.20 -21.81
N GLU C 85 -0.46 -43.78 -20.66
CA GLU C 85 -1.86 -43.98 -20.28
C GLU C 85 -2.29 -42.94 -19.25
N THR C 86 -1.43 -41.94 -19.05
CA THR C 86 -1.74 -40.88 -18.13
C THR C 86 -2.58 -39.84 -18.86
N ARG C 87 -3.62 -39.36 -18.19
CA ARG C 87 -4.57 -38.43 -18.81
CA ARG C 87 -4.51 -38.40 -18.83
C ARG C 87 -4.80 -37.19 -17.94
N GLY C 88 -5.39 -36.17 -18.54
CA GLY C 88 -5.85 -35.00 -17.76
C GLY C 88 -4.74 -34.23 -17.06
N TRP C 89 -5.06 -33.66 -15.90
CA TRP C 89 -4.06 -32.86 -15.22
C TRP C 89 -2.85 -33.67 -14.71
N ALA C 90 -3.03 -34.95 -14.43
CA ALA C 90 -1.86 -35.76 -14.07
C ALA C 90 -0.85 -35.73 -15.24
N ALA C 91 -1.38 -35.77 -16.45
CA ALA C 91 -0.51 -35.72 -17.63
C ALA C 91 0.10 -34.33 -17.78
N ALA C 92 -0.70 -33.28 -17.55
CA ALA C 92 -0.20 -31.91 -17.62
C ALA C 92 0.98 -31.74 -16.68
N VAL C 93 0.76 -32.23 -15.45
CA VAL C 93 1.80 -32.17 -14.42
C VAL C 93 3.02 -32.95 -14.89
N GLU C 94 2.81 -34.11 -15.48
CA GLU C 94 3.92 -34.86 -16.07
C GLU C 94 4.75 -34.01 -17.04
N VAL C 95 4.09 -33.31 -17.96
CA VAL C 95 4.79 -32.39 -18.87
C VAL C 95 5.49 -31.24 -18.18
N ILE C 96 4.78 -30.55 -17.30
CA ILE C 96 5.37 -29.40 -16.65
C ILE C 96 6.62 -29.78 -15.87
N ALA C 97 6.52 -30.82 -15.06
CA ALA C 97 7.62 -31.21 -14.18
C ALA C 97 8.73 -31.79 -15.05
N GLY C 98 8.31 -32.55 -16.04
CA GLY C 98 9.21 -33.33 -16.88
C GLY C 98 10.17 -32.44 -17.66
N LEU C 99 9.70 -31.25 -18.00
CA LEU C 99 10.47 -30.36 -18.84
C LEU C 99 10.90 -29.10 -18.07
N GLY C 100 10.62 -29.08 -16.77
CA GLY C 100 11.04 -27.97 -15.94
C GLY C 100 10.37 -26.65 -16.33
N LEU C 101 9.14 -26.74 -16.77
CA LEU C 101 8.30 -25.56 -17.02
C LEU C 101 7.86 -24.94 -15.69
N SER C 102 7.63 -23.63 -15.72
CA SER C 102 7.07 -22.97 -14.55
C SER C 102 5.57 -23.21 -14.49
N LEU C 103 5.05 -23.63 -13.33
CA LEU C 103 3.63 -23.88 -13.20
C LEU C 103 2.85 -22.60 -13.51
N ASP C 104 3.29 -21.48 -12.96
CA ASP C 104 2.54 -20.26 -13.26
C ASP C 104 2.55 -19.81 -14.72
N THR C 105 3.66 -20.02 -15.41
CA THR C 105 3.66 -19.71 -16.83
C THR C 105 2.68 -20.66 -17.52
N ALA C 106 2.72 -21.94 -17.17
CA ALA C 106 1.70 -22.86 -17.68
C ALA C 106 0.26 -22.39 -17.42
N LEU C 107 -0.06 -22.00 -16.18
CA LEU C 107 -1.43 -21.59 -15.90
C LEU C 107 -1.84 -20.36 -16.67
N VAL C 108 -0.92 -19.42 -16.84
CA VAL C 108 -1.20 -18.23 -17.63
C VAL C 108 -1.35 -18.62 -19.10
N TYR C 109 -0.51 -19.51 -19.58
CA TYR C 109 -0.66 -19.99 -20.98
C TYR C 109 -2.04 -20.64 -21.15
N PHE C 110 -2.42 -21.50 -20.20
CA PHE C 110 -3.71 -22.15 -20.30
C PHE C 110 -4.84 -21.11 -20.35
N ASP C 111 -4.75 -20.10 -19.47
CA ASP C 111 -5.78 -19.05 -19.44
C ASP C 111 -5.92 -18.29 -20.77
N LEU C 112 -4.79 -17.92 -21.37
CA LEU C 112 -4.77 -17.23 -22.64
C LEU C 112 -5.38 -18.12 -23.74
N ARG C 113 -5.02 -19.39 -23.73
CA ARG C 113 -5.61 -20.33 -24.69
C ARG C 113 -7.12 -20.40 -24.46
N ARG C 114 -7.56 -20.47 -23.20
N ARG C 114 -7.54 -20.44 -23.19
CA ARG C 114 -9.02 -20.52 -22.97
CA ARG C 114 -8.96 -20.50 -22.85
C ARG C 114 -9.69 -19.29 -23.56
C ARG C 114 -9.70 -19.28 -23.43
N LYS C 115 -9.04 -18.14 -23.45
CA LYS C 115 -9.63 -16.90 -23.97
C LYS C 115 -9.62 -16.85 -25.48
N GLY C 116 -8.93 -17.78 -26.11
CA GLY C 116 -8.86 -17.80 -27.57
C GLY C 116 -7.56 -17.32 -28.20
N ARG C 117 -6.57 -17.01 -27.35
CA ARG C 117 -5.27 -16.57 -27.84
C ARG C 117 -4.41 -17.78 -28.18
N LYS C 118 -3.40 -17.59 -29.01
CA LYS C 118 -2.48 -18.66 -29.36
C LYS C 118 -1.03 -18.22 -29.11
N PRO C 119 -0.60 -18.29 -27.84
CA PRO C 119 0.75 -17.84 -27.51
C PRO C 119 1.87 -18.84 -27.78
N LEU C 120 3.09 -18.32 -27.81
CA LEU C 120 4.32 -19.11 -27.81
C LEU C 120 5.24 -18.62 -26.71
N VAL C 121 6.26 -19.41 -26.40
CA VAL C 121 7.23 -18.99 -25.41
C VAL C 121 8.01 -17.82 -26.00
N GLY C 122 8.25 -16.79 -25.20
CA GLY C 122 8.99 -15.62 -25.67
C GLY C 122 10.49 -15.77 -25.55
N VAL C 123 11.20 -14.81 -26.13
CA VAL C 123 12.65 -14.79 -26.07
C VAL C 123 13.16 -14.50 -24.66
N ARG C 124 12.56 -13.50 -24.01
CA ARG C 124 12.99 -13.10 -22.67
C ARG C 124 12.50 -14.10 -21.62
N ARG C 125 13.35 -14.40 -20.65
CA ARG C 125 12.99 -15.35 -19.60
C ARG C 125 11.67 -14.97 -18.95
N GLY C 126 10.81 -15.96 -18.75
CA GLY C 126 9.55 -15.78 -18.04
C GLY C 126 8.45 -15.16 -18.89
N THR C 127 8.57 -15.21 -20.21
CA THR C 127 7.61 -14.50 -21.03
C THR C 127 6.89 -15.41 -22.01
N LEU C 128 5.72 -14.94 -22.44
CA LEU C 128 4.95 -15.56 -23.52
C LEU C 128 4.68 -14.46 -24.53
N VAL C 129 4.41 -14.84 -25.78
N VAL C 129 4.51 -14.82 -25.80
CA VAL C 129 4.14 -13.87 -26.81
CA VAL C 129 4.04 -13.86 -26.75
C VAL C 129 2.99 -14.34 -27.70
C VAL C 129 2.84 -14.40 -27.48
N TYR C 130 2.02 -13.47 -27.97
CA TYR C 130 0.89 -13.84 -28.80
C TYR C 130 0.52 -12.66 -29.68
N GLU C 131 -0.09 -12.95 -30.82
CA GLU C 131 -0.48 -11.89 -31.74
C GLU C 131 -1.99 -11.89 -31.92
N HIS C 132 -2.59 -10.72 -31.74
CA HIS C 132 -4.04 -10.60 -31.81
C HIS C 132 -4.39 -9.25 -32.41
N GLY C 133 -5.34 -9.24 -33.35
CA GLY C 133 -5.76 -7.99 -33.97
C GLY C 133 -4.61 -7.28 -34.66
N GLY C 134 -3.63 -8.04 -35.14
CA GLY C 134 -2.45 -7.49 -35.82
C GLY C 134 -1.40 -6.86 -34.92
N ARG C 135 -1.55 -7.06 -33.62
CA ARG C 135 -0.62 -6.50 -32.63
C ARG C 135 0.02 -7.62 -31.83
N VAL C 136 1.28 -7.45 -31.47
CA VAL C 136 1.97 -8.50 -30.73
C VAL C 136 2.04 -8.12 -29.24
N TYR C 137 1.64 -9.04 -28.38
CA TYR C 137 1.62 -8.83 -26.94
C TYR C 137 2.69 -9.71 -26.32
N GLU C 138 3.47 -9.13 -25.41
CA GLU C 138 4.46 -9.87 -24.69
C GLU C 138 4.08 -9.90 -23.22
N VAL C 139 3.96 -11.09 -22.67
CA VAL C 139 3.42 -11.26 -21.28
C VAL C 139 4.52 -11.75 -20.38
N LEU C 140 4.88 -10.92 -19.39
CA LEU C 140 5.80 -11.33 -18.37
C LEU C 140 5.03 -11.96 -17.21
N VAL C 141 5.34 -13.21 -16.88
CA VAL C 141 4.64 -13.92 -15.82
C VAL C 141 5.36 -13.75 -14.46
N LEU C 142 4.64 -13.17 -13.50
CA LEU C 142 5.21 -12.91 -12.18
C LEU C 142 4.43 -13.68 -11.13
N SER C 143 5.11 -14.13 -10.07
CA SER C 143 4.48 -14.97 -9.05
C SER C 143 4.64 -14.40 -7.64
N GLU C 144 3.59 -14.42 -6.85
CA GLU C 144 3.71 -14.05 -5.42
C GLU C 144 4.80 -14.91 -4.76
N GLY C 145 5.65 -14.28 -3.94
CA GLY C 145 6.67 -14.98 -3.22
C GLY C 145 7.99 -15.00 -3.96
N TYR C 146 8.00 -14.42 -5.15
CA TYR C 146 9.21 -14.32 -5.96
C TYR C 146 9.37 -12.84 -6.32
N PRO C 147 10.10 -12.11 -5.48
CA PRO C 147 10.21 -10.64 -5.71
C PRO C 147 10.96 -10.26 -6.97
N LEU C 148 10.71 -9.07 -7.50
CA LEU C 148 11.66 -8.55 -8.50
C LEU C 148 11.99 -7.12 -8.16
N LYS C 149 13.09 -6.68 -8.73
CA LYS C 149 13.45 -5.28 -8.60
CA LYS C 149 13.50 -5.29 -8.65
C LYS C 149 12.63 -4.48 -9.56
N ILE C 150 12.20 -3.31 -9.10
CA ILE C 150 11.42 -2.41 -9.93
C ILE C 150 12.18 -2.11 -11.24
N GLY C 151 13.50 -1.91 -11.14
CA GLY C 151 14.31 -1.60 -12.34
C GLY C 151 14.24 -2.70 -13.39
N SER C 152 14.13 -3.94 -12.94
CA SER C 152 13.99 -5.07 -13.86
C SER C 152 12.69 -5.03 -14.64
N LEU C 153 11.66 -4.54 -13.98
CA LEU C 153 10.35 -4.48 -14.59
C LEU C 153 10.37 -3.38 -15.66
N VAL C 154 11.02 -2.26 -15.34
CA VAL C 154 11.17 -1.14 -16.26
C VAL C 154 11.96 -1.56 -17.47
N GLU C 155 13.09 -2.22 -17.24
CA GLU C 155 13.94 -2.68 -18.34
C GLU C 155 13.21 -3.68 -19.22
N TRP C 156 12.46 -4.61 -18.63
CA TRP C 156 11.71 -5.59 -19.40
C TRP C 156 10.66 -4.88 -20.27
N SER C 157 9.93 -3.95 -19.64
CA SER C 157 8.90 -3.21 -20.38
C SER C 157 9.47 -2.42 -21.56
N ARG C 158 10.57 -1.70 -21.35
N ARG C 158 10.56 -1.70 -21.34
CA ARG C 158 11.26 -1.01 -22.44
CA ARG C 158 11.24 -1.00 -22.43
C ARG C 158 11.64 -1.97 -23.57
C ARG C 158 11.68 -1.94 -23.55
N GLY C 159 12.19 -3.11 -23.20
CA GLY C 159 12.65 -4.08 -24.19
C GLY C 159 11.51 -4.60 -25.05
N ALA C 160 10.39 -4.90 -24.41
CA ALA C 160 9.21 -5.35 -25.13
C ALA C 160 8.74 -4.26 -26.08
N SER C 161 8.73 -3.04 -25.59
CA SER C 161 8.27 -1.93 -26.39
C SER C 161 9.21 -1.69 -27.57
N MET C 162 10.50 -1.90 -27.34
CA MET C 162 11.46 -1.58 -28.39
C MET C 162 11.45 -2.69 -29.47
N ASP C 163 10.78 -3.82 -29.17
CA ASP C 163 10.52 -4.92 -30.13
C ASP C 163 9.12 -4.80 -30.72
N ASN C 164 8.47 -3.66 -30.49
CA ASN C 164 7.12 -3.46 -30.96
C ASN C 164 6.15 -4.48 -30.39
N HIS C 165 6.26 -4.77 -29.10
CA HIS C 165 5.32 -5.62 -28.42
C HIS C 165 4.62 -4.75 -27.39
N SER C 166 3.32 -4.93 -27.21
CA SER C 166 2.63 -4.33 -26.04
C SER C 166 3.06 -5.09 -24.80
N PRO C 167 3.60 -4.38 -23.78
CA PRO C 167 4.08 -5.10 -22.56
C PRO C 167 2.96 -5.38 -21.54
N ILE C 168 2.64 -6.66 -21.34
CA ILE C 168 1.61 -7.11 -20.40
C ILE C 168 2.25 -7.87 -19.28
N VAL C 169 1.87 -7.58 -18.06
N VAL C 169 1.83 -7.57 -18.07
CA VAL C 169 2.37 -8.38 -16.94
CA VAL C 169 2.27 -8.34 -16.92
C VAL C 169 1.24 -9.19 -16.36
C VAL C 169 1.14 -9.24 -16.46
N ALA C 170 1.46 -10.49 -16.18
CA ALA C 170 0.45 -11.43 -15.62
C ALA C 170 0.93 -11.79 -14.25
N ILE C 171 0.20 -11.35 -13.23
CA ILE C 171 0.62 -11.63 -11.88
C ILE C 171 -0.21 -12.80 -11.38
N VAL C 172 0.43 -13.85 -10.91
CA VAL C 172 -0.28 -15.01 -10.35
C VAL C 172 -0.06 -15.00 -8.83
N ASP C 173 -1.13 -14.88 -8.06
CA ASP C 173 -0.95 -14.91 -6.62
C ASP C 173 -0.71 -16.32 -6.09
N ARG C 174 -0.50 -16.40 -4.78
CA ARG C 174 -0.06 -17.64 -4.14
C ARG C 174 -1.15 -18.70 -4.09
N THR C 175 -2.30 -18.39 -4.69
CA THR C 175 -3.46 -19.35 -4.72
C THR C 175 -3.76 -19.69 -6.19
N GLY C 176 -3.16 -18.95 -7.12
CA GLY C 176 -3.38 -19.21 -8.56
C GLY C 176 -4.31 -18.20 -9.22
N LEU C 177 -4.75 -17.17 -8.50
CA LEU C 177 -5.53 -16.06 -9.12
C LEU C 177 -4.67 -15.22 -10.04
N ILE C 178 -5.09 -15.08 -11.31
CA ILE C 178 -4.31 -14.34 -12.31
C ILE C 178 -4.88 -12.96 -12.55
N THR C 179 -4.01 -11.95 -12.58
CA THR C 179 -4.40 -10.56 -12.88
C THR C 179 -3.46 -10.03 -13.95
N TYR C 180 -4.01 -9.37 -14.97
CA TYR C 180 -3.22 -8.82 -16.07
C TYR C 180 -3.23 -7.29 -16.08
N TYR C 181 -2.09 -6.67 -16.40
CA TYR C 181 -1.99 -5.24 -16.56
C TYR C 181 -1.12 -4.94 -17.76
N GLU C 182 -1.39 -3.84 -18.42
CA GLU C 182 -0.43 -3.35 -19.41
C GLU C 182 0.52 -2.46 -18.63
N ALA C 183 1.82 -2.57 -18.86
CA ALA C 183 2.78 -1.76 -18.08
C ALA C 183 3.78 -1.16 -19.03
N ARG C 184 3.64 0.13 -19.30
CA ARG C 184 4.34 0.78 -20.39
C ARG C 184 5.35 1.77 -19.87
N ALA C 185 6.60 1.65 -20.32
CA ALA C 185 7.65 2.52 -19.78
C ALA C 185 7.75 3.76 -20.66
N VAL C 186 7.67 4.92 -20.04
CA VAL C 186 7.72 6.18 -20.76
C VAL C 186 8.59 7.18 -19.99
N ARG C 187 9.11 8.19 -20.69
CA ARG C 187 9.93 9.20 -19.99
C ARG C 187 9.07 10.27 -19.31
N SER C 188 7.84 10.43 -19.78
CA SER C 188 6.92 11.42 -19.20
C SER C 188 5.51 10.88 -19.10
N ILE C 189 4.83 11.18 -18.00
CA ILE C 189 3.46 10.67 -17.80
C ILE C 189 2.61 11.11 -18.98
N GLN C 190 1.74 10.19 -19.42
CA GLN C 190 0.93 10.40 -20.62
C GLN C 190 0.24 9.08 -21.02
N LYS D 9 7.47 37.76 -4.67
CA LYS D 9 6.50 36.62 -4.69
C LYS D 9 6.11 36.23 -3.25
N ALA D 10 6.67 35.16 -2.66
CA ALA D 10 6.25 34.80 -1.29
C ALA D 10 7.34 34.62 -0.22
N SER D 11 6.94 34.84 1.04
CA SER D 11 7.80 34.65 2.18
CA SER D 11 7.79 34.67 2.21
C SER D 11 7.17 33.64 3.12
N GLY D 12 7.98 32.76 3.67
CA GLY D 12 7.50 31.74 4.58
C GLY D 12 8.52 31.58 5.70
N VAL D 13 8.11 30.96 6.79
CA VAL D 13 8.95 30.58 7.88
C VAL D 13 9.16 29.06 7.95
N LEU D 14 10.43 28.63 8.07
CA LEU D 14 10.76 27.22 8.24
C LEU D 14 10.49 26.82 9.67
N ILE D 15 9.69 25.77 9.85
CA ILE D 15 9.39 25.29 11.18
C ILE D 15 9.13 23.80 11.03
N GLY D 16 9.90 23.01 11.74
CA GLY D 16 9.82 21.55 11.57
C GLY D 16 10.33 21.20 10.18
N ASP D 17 9.61 20.33 9.49
CA ASP D 17 10.02 20.06 8.12
C ASP D 17 9.02 20.69 7.19
N SER D 18 8.62 21.91 7.51
CA SER D 18 7.66 22.59 6.67
C SER D 18 7.93 24.07 6.63
N VAL D 19 7.30 24.74 5.68
CA VAL D 19 7.34 26.17 5.60
C VAL D 19 5.95 26.75 5.67
N LEU D 20 5.74 27.68 6.59
CA LEU D 20 4.43 28.28 6.69
C LEU D 20 4.42 29.66 6.05
N VAL D 21 3.43 29.88 5.20
CA VAL D 21 3.19 31.18 4.58
C VAL D 21 2.00 31.79 5.27
N THR D 22 2.25 32.84 6.05
CA THR D 22 1.23 33.36 6.91
C THR D 22 0.54 34.58 6.31
N ASP D 23 1.19 35.28 5.38
CA ASP D 23 0.54 36.40 4.69
C ASP D 23 -0.63 35.87 3.84
N VAL D 24 -1.84 36.37 4.06
CA VAL D 24 -3.03 35.78 3.39
C VAL D 24 -2.98 35.88 1.85
N GLU D 25 -2.47 37.00 1.37
CA GLU D 25 -2.43 37.26 -0.06
C GLU D 25 -1.37 36.38 -0.68
N GLN D 26 -0.20 36.28 -0.07
CA GLN D 26 0.78 35.31 -0.58
C GLN D 26 0.25 33.87 -0.55
N ALA D 27 -0.40 33.50 0.56
CA ALA D 27 -0.99 32.17 0.73
C ALA D 27 -2.05 31.85 -0.34
N ARG D 28 -2.96 32.79 -0.58
CA ARG D 28 -3.95 32.59 -1.63
C ARG D 28 -3.32 32.51 -3.03
N SER D 29 -2.26 33.29 -3.21
CA SER D 29 -1.55 33.35 -4.49
C SER D 29 -0.96 32.00 -4.85
N LEU D 30 -0.12 31.47 -3.96
CA LEU D 30 0.59 30.22 -4.21
C LEU D 30 -0.38 29.08 -4.44
N TYR D 31 -1.46 29.03 -3.66
CA TYR D 31 -2.48 28.04 -3.89
C TYR D 31 -3.21 28.20 -5.22
N SER D 32 -3.59 29.44 -5.54
CA SER D 32 -4.38 29.77 -6.73
C SER D 32 -3.58 29.60 -7.99
N CYS D 33 -2.29 29.88 -7.88
CA CYS D 33 -1.42 29.85 -9.03
CA CYS D 33 -1.43 29.86 -9.05
C CYS D 33 -0.56 28.60 -9.05
N GLY D 34 -1.19 27.46 -9.27
CA GLY D 34 -0.43 26.24 -9.49
C GLY D 34 -0.65 25.22 -8.39
N TYR D 35 -1.53 25.57 -7.47
CA TYR D 35 -1.94 24.61 -6.43
C TYR D 35 -0.76 24.13 -5.63
N TYR D 36 0.06 25.08 -5.15
CA TYR D 36 1.07 24.76 -4.16
C TYR D 36 0.56 24.88 -2.73
N GLY D 37 0.95 23.93 -1.89
CA GLY D 37 0.66 24.03 -0.46
C GLY D 37 -0.68 23.55 0.02
N GLN D 38 -0.89 23.57 1.34
CA GLN D 38 -2.10 23.05 1.94
C GLN D 38 -2.59 24.07 3.00
N PRO D 39 -3.77 24.68 2.76
CA PRO D 39 -4.24 25.59 3.80
C PRO D 39 -4.49 24.85 5.12
N LEU D 40 -4.05 25.45 6.23
CA LEU D 40 -4.23 24.79 7.53
C LEU D 40 -5.62 25.00 8.12
N ASP D 41 -6.39 25.91 7.52
CA ASP D 41 -7.70 26.22 8.09
C ASP D 41 -8.83 25.51 7.35
N VAL D 42 -8.55 25.04 6.14
CA VAL D 42 -9.52 24.24 5.42
CA VAL D 42 -9.54 24.35 5.29
C VAL D 42 -8.87 23.21 4.51
N GLU D 43 -9.47 22.03 4.52
CA GLU D 43 -8.91 20.87 3.83
C GLU D 43 -9.00 21.01 2.30
N LYS D 44 -10.21 21.21 1.78
CA LYS D 44 -10.40 21.44 0.35
C LYS D 44 -11.14 22.75 0.12
N PRO D 45 -10.39 23.87 0.03
CA PRO D 45 -11.02 25.16 -0.20
C PRO D 45 -11.81 25.21 -1.51
N ARG D 46 -12.82 26.05 -1.54
CA ARG D 46 -13.46 26.42 -2.78
C ARG D 46 -12.61 27.52 -3.39
N GLY D 47 -11.78 27.19 -4.37
CA GLY D 47 -10.91 28.19 -5.00
C GLY D 47 -9.93 28.81 -4.01
N ALA D 48 -10.01 30.12 -3.81
CA ALA D 48 -9.02 30.81 -2.98
C ALA D 48 -9.57 31.22 -1.61
N ASP D 49 -10.77 30.78 -1.26
CA ASP D 49 -11.40 31.26 -0.05
C ASP D 49 -10.96 30.45 1.18
N PHE D 50 -9.81 30.84 1.68
CA PHE D 50 -9.33 30.38 2.95
C PHE D 50 -8.47 31.45 3.54
N GLU D 51 -8.18 31.31 4.83
CA GLU D 51 -7.38 32.28 5.58
C GLU D 51 -5.92 31.83 5.73
N GLY D 52 -5.69 30.51 5.68
CA GLY D 52 -4.35 30.04 5.88
C GLY D 52 -4.10 29.75 7.35
N PRO D 53 -2.82 29.68 7.74
CA PRO D 53 -1.70 29.80 6.79
C PRO D 53 -1.64 28.69 5.74
N LEU D 54 -0.77 28.88 4.77
CA LEU D 54 -0.52 27.81 3.76
C LEU D 54 0.72 27.07 4.24
N ARG D 55 0.60 25.74 4.43
CA ARG D 55 1.75 24.93 4.78
C ARG D 55 2.34 24.40 3.47
N LEU D 56 3.64 24.61 3.28
CA LEU D 56 4.34 23.94 2.20
CA LEU D 56 4.37 23.99 2.17
C LEU D 56 5.20 22.84 2.73
N SER D 57 5.18 21.73 2.01
CA SER D 57 6.04 20.65 2.37
C SER D 57 7.46 21.10 2.11
N LEU D 58 8.41 20.32 2.63
CA LEU D 58 9.81 20.62 2.45
C LEU D 58 10.13 20.51 0.95
N ILE D 59 9.58 19.49 0.30
CA ILE D 59 9.83 19.32 -1.11
C ILE D 59 9.32 20.51 -1.93
N GLU D 60 8.12 20.98 -1.59
CA GLU D 60 7.53 22.12 -2.31
C GLU D 60 8.37 23.33 -2.03
N SER D 61 8.87 23.40 -0.80
CA SER D 61 9.58 24.62 -0.39
C SER D 61 10.90 24.72 -1.14
N LEU D 62 11.59 23.60 -1.27
CA LEU D 62 12.81 23.59 -2.04
C LEU D 62 12.55 24.01 -3.50
N TYR D 63 11.50 23.44 -4.10
CA TYR D 63 11.14 23.69 -5.50
C TYR D 63 10.91 25.17 -5.71
N LEU D 64 10.06 25.74 -4.86
CA LEU D 64 9.72 27.15 -4.97
C LEU D 64 10.87 28.11 -4.72
N ALA D 65 11.73 27.78 -3.76
CA ALA D 65 12.88 28.57 -3.49
C ALA D 65 13.85 28.59 -4.68
N GLU D 66 14.09 27.41 -5.24
CA GLU D 66 15.05 27.27 -6.31
C GLU D 66 14.50 27.92 -7.59
N LYS D 67 13.18 27.98 -7.72
CA LYS D 67 12.57 28.67 -8.86
C LYS D 67 12.50 30.17 -8.60
N GLY D 68 12.90 30.60 -7.41
CA GLY D 68 12.95 32.04 -7.10
C GLY D 68 11.63 32.66 -6.72
N VAL D 69 10.68 31.83 -6.28
CA VAL D 69 9.33 32.27 -5.95
C VAL D 69 9.25 32.48 -4.46
N LEU D 70 9.93 31.62 -3.70
CA LEU D 70 9.82 31.60 -2.24
C LEU D 70 11.10 32.06 -1.52
N GLU D 71 10.96 32.98 -0.59
CA GLU D 71 12.04 33.26 0.35
C GLU D 71 11.69 32.71 1.70
N VAL D 72 12.58 31.89 2.25
CA VAL D 72 12.34 31.21 3.53
C VAL D 72 13.18 31.87 4.65
N ALA D 73 12.55 32.11 5.79
CA ALA D 73 13.24 32.61 6.98
C ALA D 73 13.11 31.62 8.14
N LYS D 74 14.04 31.63 9.08
CA LYS D 74 13.82 30.83 10.29
C LYS D 74 13.00 31.65 11.28
N PRO D 75 12.56 31.03 12.40
CA PRO D 75 11.74 31.89 13.24
C PRO D 75 12.49 33.12 13.73
N ASP D 76 13.80 33.01 13.91
CA ASP D 76 14.56 34.16 14.43
C ASP D 76 14.84 35.20 13.35
N GLY D 77 14.40 34.93 12.13
CA GLY D 77 14.44 35.93 11.06
C GLY D 77 15.58 35.75 10.09
N SER D 78 16.55 34.91 10.44
CA SER D 78 17.70 34.71 9.58
C SER D 78 17.29 33.91 8.35
N SER D 79 17.90 34.25 7.23
CA SER D 79 17.56 33.67 5.94
C SER D 79 17.88 32.20 5.85
N VAL D 80 17.05 31.45 5.11
CA VAL D 80 17.34 30.07 4.83
C VAL D 80 17.61 29.95 3.32
N GLY D 81 18.78 29.43 2.97
CA GLY D 81 19.16 29.37 1.57
C GLY D 81 18.56 28.15 0.91
N VAL D 82 18.67 28.09 -0.42
CA VAL D 82 18.22 26.96 -1.20
C VAL D 82 19.08 25.76 -0.84
N GLU D 83 20.38 26.01 -0.64
CA GLU D 83 21.24 24.88 -0.30
C GLU D 83 20.89 24.27 1.06
N ASP D 84 20.38 25.10 1.97
CA ASP D 84 19.93 24.62 3.27
C ASP D 84 18.70 23.74 3.19
N LEU D 85 17.68 24.20 2.46
CA LEU D 85 16.50 23.38 2.17
C LEU D 85 16.96 22.13 1.41
N ARG D 86 17.89 22.27 0.45
CA ARG D 86 18.34 21.08 -0.30
C ARG D 86 18.95 20.04 0.66
N THR D 87 19.78 20.49 1.60
CA THR D 87 20.38 19.58 2.58
C THR D 87 19.32 18.86 3.41
N ALA D 88 18.30 19.58 3.85
CA ALA D 88 17.22 18.98 4.65
C ALA D 88 16.51 17.90 3.84
N VAL D 89 16.28 18.21 2.56
CA VAL D 89 15.56 17.28 1.70
C VAL D 89 16.41 16.04 1.46
N ARG D 90 17.70 16.26 1.15
CA ARG D 90 18.57 15.13 0.78
C ARG D 90 18.91 14.26 1.98
N GLY D 91 18.77 14.80 3.18
CA GLY D 91 19.01 14.04 4.39
C GLY D 91 17.87 13.18 4.88
N ASN D 92 16.74 13.25 4.18
CA ASN D 92 15.59 12.39 4.46
C ASN D 92 15.35 11.45 3.28
N PRO D 93 15.54 10.14 3.48
CA PRO D 93 15.46 9.23 2.33
C PRO D 93 14.15 9.33 1.54
N ARG D 94 13.02 9.38 2.24
CA ARG D 94 11.76 9.52 1.56
C ARG D 94 11.67 10.85 0.80
N PHE D 95 11.89 11.98 1.49
CA PHE D 95 11.81 13.28 0.83
C PHE D 95 12.82 13.45 -0.32
N SER D 96 14.01 12.86 -0.23
CA SER D 96 14.97 12.94 -1.34
C SER D 96 14.39 12.34 -2.64
N MET D 97 13.87 11.13 -2.50
CA MET D 97 13.22 10.38 -3.59
C MET D 97 12.04 11.16 -4.14
N LEU D 98 11.16 11.56 -3.25
CA LEU D 98 9.97 12.26 -3.66
C LEU D 98 10.31 13.56 -4.34
N TYR D 99 11.34 14.24 -3.85
CA TYR D 99 11.68 15.51 -4.46
C TYR D 99 12.06 15.32 -5.92
N ASN D 100 12.82 14.27 -6.24
CA ASN D 100 13.23 14.13 -7.64
C ASN D 100 12.08 13.90 -8.60
N ILE D 101 11.06 13.17 -8.15
CA ILE D 101 9.82 12.97 -8.91
C ILE D 101 8.99 14.26 -8.96
N TYR D 102 8.79 14.84 -7.77
CA TYR D 102 8.09 16.13 -7.67
C TYR D 102 8.63 17.18 -8.67
N ARG D 103 9.95 17.41 -8.68
CA ARG D 103 10.57 18.35 -9.57
C ARG D 103 10.37 18.05 -11.08
N ASP D 104 10.53 16.80 -11.42
CA ASP D 104 10.41 16.35 -12.81
C ASP D 104 9.02 16.62 -13.38
N LEU D 105 8.04 16.29 -12.53
CA LEU D 105 6.62 16.45 -12.90
C LEU D 105 6.25 17.96 -12.96
N ARG D 106 6.72 18.78 -12.01
CA ARG D 106 6.41 20.21 -12.03
C ARG D 106 7.06 20.84 -13.27
N GLU D 107 8.29 20.44 -13.52
CA GLU D 107 9.01 21.01 -14.66
C GLU D 107 8.31 20.63 -15.97
N ARG D 108 7.65 19.48 -15.96
CA ARG D 108 6.96 19.02 -17.18
C ARG D 108 5.55 19.63 -17.31
N GLY D 109 5.19 20.48 -16.34
CA GLY D 109 3.95 21.27 -16.40
C GLY D 109 2.79 20.70 -15.58
N PHE D 110 3.02 19.62 -14.85
CA PHE D 110 1.95 19.05 -14.04
C PHE D 110 1.78 19.79 -12.73
N VAL D 111 0.59 19.64 -12.15
N VAL D 111 0.60 19.61 -12.13
CA VAL D 111 0.40 20.02 -10.76
CA VAL D 111 0.33 20.07 -10.74
C VAL D 111 0.67 18.74 -9.99
C VAL D 111 0.44 18.84 -9.84
N VAL D 112 1.37 18.86 -8.87
CA VAL D 112 1.70 17.69 -8.08
C VAL D 112 1.21 17.91 -6.64
N ARG D 113 0.33 17.04 -6.16
CA ARG D 113 -0.16 17.14 -4.80
C ARG D 113 0.10 15.89 -4.01
N SER D 114 -0.10 15.95 -2.70
CA SER D 114 -0.02 14.73 -1.91
C SER D 114 -1.02 13.68 -2.42
N GLY D 115 -0.57 12.41 -2.42
CA GLY D 115 -1.47 11.27 -2.80
C GLY D 115 -2.17 10.66 -1.62
N LEU D 116 -2.06 11.33 -0.44
CA LEU D 116 -2.64 10.78 0.79
C LEU D 116 -4.06 10.30 0.64
N LYS D 117 -4.91 11.06 -0.03
CA LYS D 117 -6.33 10.66 -0.04
C LYS D 117 -6.60 9.43 -0.92
N PHE D 118 -5.58 9.06 -1.69
CA PHE D 118 -5.70 8.03 -2.70
C PHE D 118 -4.83 6.87 -2.33
N GLY D 119 -4.21 6.95 -1.16
CA GLY D 119 -3.27 5.91 -0.70
C GLY D 119 -1.91 5.84 -1.42
N SER D 120 -1.48 6.95 -2.07
CA SER D 120 -0.25 6.91 -2.88
C SER D 120 0.71 8.01 -2.45
N ASP D 121 1.81 8.13 -3.16
CA ASP D 121 2.82 9.20 -2.82
C ASP D 121 2.41 10.51 -3.43
N PHE D 122 1.85 10.44 -4.64
CA PHE D 122 1.41 11.67 -5.25
C PHE D 122 0.06 11.50 -5.93
N ALA D 123 -0.69 12.60 -5.98
CA ALA D 123 -1.83 12.77 -6.91
C ALA D 123 -1.43 13.83 -7.93
N VAL D 124 -1.39 13.49 -9.22
CA VAL D 124 -0.81 14.37 -10.20
C VAL D 124 -1.88 14.82 -11.17
N TYR D 125 -2.01 16.14 -11.35
CA TYR D 125 -3.07 16.68 -12.19
C TYR D 125 -2.51 17.43 -13.37
N ARG D 126 -3.30 17.56 -14.46
CA ARG D 126 -2.92 18.40 -15.58
C ARG D 126 -3.34 19.83 -15.31
N LEU D 127 -4.43 20.01 -14.59
N LEU D 127 -4.45 19.94 -14.60
CA LEU D 127 -4.76 21.36 -14.19
CA LEU D 127 -5.10 21.20 -14.32
C LEU D 127 -4.99 21.57 -12.70
C LEU D 127 -5.08 21.52 -12.82
N GLY D 128 -5.64 20.60 -12.04
CA GLY D 128 -5.74 20.73 -10.60
C GLY D 128 -6.90 19.96 -10.01
N PRO D 129 -6.91 19.82 -8.69
CA PRO D 129 -7.96 19.06 -7.99
C PRO D 129 -9.34 19.68 -8.19
N GLY D 130 -10.29 18.84 -8.57
CA GLY D 130 -11.62 19.29 -8.93
C GLY D 130 -11.72 19.79 -10.35
N ILE D 131 -10.58 19.94 -11.03
CA ILE D 131 -10.61 20.36 -12.42
C ILE D 131 -10.43 19.18 -13.37
N ASP D 132 -9.35 18.43 -13.19
CA ASP D 132 -9.19 17.17 -13.94
C ASP D 132 -10.31 16.29 -13.49
N ALA D 133 -10.74 15.38 -14.37
CA ALA D 133 -11.73 14.37 -14.01
C ALA D 133 -11.17 13.48 -12.87
N ALA D 134 -9.89 13.14 -12.96
CA ALA D 134 -9.22 12.30 -11.99
C ALA D 134 -7.72 12.50 -12.11
N PRO D 135 -7.01 12.51 -10.98
CA PRO D 135 -5.57 12.59 -11.02
C PRO D 135 -4.90 11.28 -11.44
N PHE D 136 -3.64 11.37 -11.82
CA PHE D 136 -2.79 10.18 -12.00
C PHE D 136 -2.32 9.88 -10.60
N ILE D 137 -2.46 8.62 -10.20
CA ILE D 137 -2.02 8.20 -8.90
C ILE D 137 -0.60 7.62 -9.06
N VAL D 138 0.33 8.23 -8.37
CA VAL D 138 1.76 7.96 -8.56
C VAL D 138 2.43 7.38 -7.33
N HIS D 139 3.08 6.24 -7.50
CA HIS D 139 3.77 5.49 -6.47
C HIS D 139 5.27 5.66 -6.73
N ALA D 140 6.02 6.10 -5.72
CA ALA D 140 7.45 6.34 -5.85
C ALA D 140 8.32 5.15 -5.51
N TYR D 141 9.29 4.83 -6.39
CA TYR D 141 10.24 3.76 -6.20
C TYR D 141 11.65 4.16 -6.64
N SER D 142 12.63 3.46 -6.08
CA SER D 142 13.95 3.38 -6.65
C SER D 142 13.93 2.13 -7.55
N PRO D 143 14.73 2.13 -8.61
CA PRO D 143 14.78 0.90 -9.39
C PRO D 143 15.42 -0.27 -8.63
N GLU D 144 16.11 0.02 -7.53
CA GLU D 144 16.72 -1.03 -6.73
C GLU D 144 15.74 -1.62 -5.72
N ASP D 145 14.54 -1.05 -5.63
CA ASP D 145 13.55 -1.57 -4.66
C ASP D 145 13.07 -2.94 -5.13
N ASN D 146 12.97 -3.88 -4.20
CA ASN D 146 12.36 -5.16 -4.51
C ASN D 146 10.92 -5.17 -4.06
N ILE D 147 10.01 -5.66 -4.89
CA ILE D 147 8.65 -5.75 -4.47
C ILE D 147 8.15 -7.16 -4.73
N ASP D 148 7.13 -7.56 -4.02
CA ASP D 148 6.45 -8.79 -4.39
C ASP D 148 5.49 -8.40 -5.50
N PRO D 149 5.32 -9.29 -6.51
CA PRO D 149 4.46 -8.94 -7.63
C PRO D 149 3.05 -8.53 -7.21
N VAL D 150 2.55 -9.07 -6.09
CA VAL D 150 1.21 -8.64 -5.68
C VAL D 150 1.13 -7.19 -5.24
N GLU D 151 2.27 -6.55 -5.00
CA GLU D 151 2.24 -5.09 -4.74
CA GLU D 151 2.25 -5.08 -4.74
C GLU D 151 1.72 -4.29 -5.95
N ILE D 152 1.89 -4.84 -7.17
CA ILE D 152 1.35 -4.19 -8.36
C ILE D 152 -0.18 -4.26 -8.33
N VAL D 153 -0.69 -5.40 -7.93
CA VAL D 153 -2.13 -5.61 -7.77
C VAL D 153 -2.68 -4.70 -6.66
N ARG D 154 -1.93 -4.54 -5.57
CA ARG D 154 -2.38 -3.58 -4.54
C ARG D 154 -2.54 -2.17 -5.13
N ALA D 155 -1.59 -1.74 -5.96
CA ALA D 155 -1.69 -0.44 -6.64
C ALA D 155 -2.93 -0.38 -7.55
N GLY D 156 -3.22 -1.49 -8.24
CA GLY D 156 -4.42 -1.59 -9.05
C GLY D 156 -5.66 -1.42 -8.19
N ARG D 157 -5.66 -1.99 -6.99
CA ARG D 157 -6.80 -1.86 -6.08
CA ARG D 157 -6.81 -1.85 -6.13
C ARG D 157 -7.06 -0.41 -5.66
N LEU D 158 -5.98 0.28 -5.26
CA LEU D 158 -6.07 1.68 -4.91
C LEU D 158 -6.66 2.52 -6.04
N SER D 159 -6.38 2.15 -7.29
CA SER D 159 -6.84 3.02 -8.39
C SER D 159 -8.18 2.58 -8.97
N HIS D 160 -8.71 1.49 -8.45
CA HIS D 160 -9.89 0.82 -9.00
C HIS D 160 -11.14 1.70 -9.12
N SER D 161 -11.28 2.66 -8.22
CA SER D 161 -12.47 3.52 -8.21
C SER D 161 -12.22 4.93 -8.79
N VAL D 162 -10.96 5.25 -9.04
CA VAL D 162 -10.59 6.60 -9.53
C VAL D 162 -10.47 6.58 -11.05
N ARG D 163 -9.45 5.86 -11.48
CA ARG D 163 -9.27 5.35 -12.81
C ARG D 163 -8.44 4.09 -12.58
N LYS D 164 -8.74 3.02 -13.32
CA LYS D 164 -8.04 1.76 -13.09
C LYS D 164 -6.57 1.87 -13.47
N LYS D 165 -6.14 3.09 -13.79
CA LYS D 165 -4.81 3.35 -14.29
C LYS D 165 -3.97 3.95 -13.17
N PHE D 166 -2.65 3.78 -13.25
CA PHE D 166 -1.82 4.25 -12.16
C PHE D 166 -0.37 4.22 -12.64
N VAL D 167 0.49 4.92 -11.92
CA VAL D 167 1.83 5.17 -12.34
C VAL D 167 2.82 4.75 -11.28
N PHE D 168 3.89 4.09 -11.70
CA PHE D 168 5.05 3.97 -10.82
C PHE D 168 6.08 4.97 -11.32
N ALA D 169 6.58 5.83 -10.47
CA ALA D 169 7.65 6.77 -10.84
C ALA D 169 8.91 6.24 -10.24
N VAL D 170 9.90 5.99 -11.09
CA VAL D 170 11.11 5.22 -10.75
C VAL D 170 12.29 6.15 -10.84
N THR D 171 12.99 6.34 -9.72
CA THR D 171 14.05 7.36 -9.69
C THR D 171 15.33 6.91 -9.02
N ARG D 172 16.43 7.34 -9.60
CA ARG D 172 17.76 7.16 -9.04
C ARG D 172 18.71 8.16 -9.70
N GLY D 173 19.66 8.66 -8.92
CA GLY D 173 20.69 9.56 -9.45
C GLY D 173 20.10 10.84 -10.00
N GLY D 174 18.90 11.17 -9.54
CA GLY D 174 18.21 12.39 -9.91
C GLY D 174 17.25 12.22 -11.07
N ASP D 175 17.44 11.13 -11.81
CA ASP D 175 16.63 10.88 -13.00
C ASP D 175 15.36 10.15 -12.70
N VAL D 176 14.36 10.37 -13.54
N VAL D 176 14.35 10.36 -13.52
CA VAL D 176 13.05 9.73 -13.36
CA VAL D 176 13.07 9.69 -13.28
C VAL D 176 12.56 9.14 -14.66
C VAL D 176 12.46 9.20 -14.59
N SER D 177 11.95 7.96 -14.55
CA SER D 177 11.11 7.44 -15.63
C SER D 177 9.86 6.86 -15.02
N TYR D 178 8.88 6.53 -15.87
CA TYR D 178 7.60 6.16 -15.33
C TYR D 178 7.06 4.89 -15.99
N LEU D 179 6.30 4.14 -15.23
CA LEU D 179 5.63 2.99 -15.82
C LEU D 179 4.18 3.32 -15.68
N MET D 180 3.46 3.31 -16.80
CA MET D 180 2.03 3.57 -16.86
C MET D 180 1.37 2.21 -16.86
N ILE D 181 0.55 1.95 -15.85
CA ILE D 181 0.03 0.62 -15.62
C ILE D 181 -1.48 0.68 -15.69
N ASP D 182 -2.07 -0.19 -16.50
CA ASP D 182 -3.50 -0.25 -16.44
C ASP D 182 -4.07 -1.67 -16.52
N TRP D 183 -5.25 -1.89 -15.94
CA TRP D 183 -5.84 -3.22 -16.01
C TRP D 183 -6.02 -3.63 -17.48
N PHE D 184 -5.79 -4.89 -17.78
CA PHE D 184 -5.79 -5.36 -19.18
C PHE D 184 -6.62 -6.62 -19.26
N ARG D 185 -7.39 -6.76 -20.34
CA ARG D 185 -8.15 -7.98 -20.62
C ARG D 185 -7.62 -8.64 -21.90
N PRO D 186 -6.85 -9.73 -21.77
CA PRO D 186 -6.35 -10.41 -22.95
C PRO D 186 -7.46 -10.92 -23.87
C1 GOL E . 7.80 16.06 13.39
O1 GOL E . 8.80 16.21 14.38
C2 GOL E . 8.17 16.94 12.20
O2 GOL E . 7.46 16.52 11.03
C3 GOL E . 7.78 18.36 12.54
O3 GOL E . 6.76 18.27 13.50
C1 GOL F . -10.30 15.07 10.97
O1 GOL F . -10.87 14.51 12.12
C2 GOL F . -9.38 16.21 11.38
O2 GOL F . -10.16 17.37 11.57
C3 GOL F . -8.33 16.47 10.30
O3 GOL F . -8.07 17.86 10.19
C1 GOL G . -14.89 -6.14 7.73
O1 GOL G . -13.70 -5.44 7.93
C2 GOL G . -15.72 -6.16 9.00
O2 GOL G . -16.90 -6.88 8.72
C3 GOL G . -14.95 -6.96 10.04
O3 GOL G . -15.46 -8.26 10.02
C1 GOL H . 2.59 3.22 0.16
O1 GOL H . 3.26 2.67 -0.94
C2 GOL H . 3.21 4.53 0.66
O2 GOL H . 4.28 4.98 -0.14
C3 GOL H . 2.11 5.59 0.66
O3 GOL H . 0.97 4.96 1.19
C1 GOL I . -14.27 -17.60 -4.13
O1 GOL I . -13.78 -17.69 -2.82
C2 GOL I . -15.52 -16.72 -4.13
O2 GOL I . -15.19 -15.45 -4.64
C3 GOL I . -15.95 -16.55 -2.69
O3 GOL I . -16.95 -15.57 -2.59
C1 GOL J . -8.23 -20.11 -13.44
O1 GOL J . -6.97 -20.78 -13.46
C2 GOL J . -8.47 -19.06 -12.35
O2 GOL J . -9.29 -19.59 -11.26
C3 GOL J . -7.24 -18.20 -11.95
O3 GOL J . -7.40 -16.77 -12.10
CL CL K . -3.12 -18.98 1.19
C1 GOL L . 5.85 -21.75 -9.90
O1 GOL L . 5.39 -21.20 -11.10
C2 GOL L . 6.15 -20.50 -9.11
O2 GOL L . 4.92 -19.84 -8.90
C3 GOL L . 7.07 -19.69 -10.02
O3 GOL L . 8.15 -20.54 -10.35
C1 GOL M . -7.53 10.24 -14.33
O1 GOL M . -8.12 10.91 -15.42
C2 GOL M . -6.50 9.31 -14.91
O2 GOL M . -6.86 9.11 -16.26
C3 GOL M . -6.58 7.97 -14.20
O3 GOL M . -6.11 8.18 -12.89
C1 GOL N . 1.47 -6.49 0.67
O1 GOL N . 2.03 -7.55 1.41
C2 GOL N . 2.15 -6.46 -0.70
O2 GOL N . 3.34 -7.23 -0.66
C3 GOL N . 1.14 -6.93 -1.74
O3 GOL N . -0.03 -6.15 -1.59
C1 GOL O . -10.92 22.79 -4.91
O1 GOL O . -9.79 23.23 -4.18
C2 GOL O . -10.58 22.91 -6.39
O2 GOL O . -11.53 22.19 -7.16
C3 GOL O . -10.57 24.37 -6.80
O3 GOL O . -9.58 24.58 -7.79
CL CL P . 4.44 17.76 -1.39
#